data_7VTY
# 
_entry.id   7VTY 
# 
_audit_conform.dict_name       mmcif_pdbx.dic 
_audit_conform.dict_version    5.380 
_audit_conform.dict_location   http://mmcif.pdb.org/dictionaries/ascii/mmcif_pdbx.dic 
# 
loop_
_database_2.database_id 
_database_2.database_code 
_database_2.pdbx_database_accession 
_database_2.pdbx_DOI 
PDB   7VTY         pdb_00007vty 10.2210/pdb7vty/pdb 
WWPDB D_1300025214 ?            ?                   
# 
_pdbx_database_status.status_code                     REL 
_pdbx_database_status.status_code_sf                  REL 
_pdbx_database_status.status_code_mr                  ? 
_pdbx_database_status.entry_id                        7VTY 
_pdbx_database_status.recvd_initial_deposition_date   2021-10-31 
_pdbx_database_status.SG_entry                        N 
_pdbx_database_status.deposit_site                    PDBJ 
_pdbx_database_status.process_site                    PDBJ 
_pdbx_database_status.status_code_cs                  ? 
_pdbx_database_status.status_code_nmr_data            ? 
_pdbx_database_status.methods_development_category    ? 
_pdbx_database_status.pdb_format_compatible           Y 
# 
_audit_author.name               'Zhang, L.' 
_audit_author.pdbx_ordinal       1 
_audit_author.identifier_ORCID   ? 
# 
_citation.abstract                  ? 
_citation.abstract_id_CAS           ? 
_citation.book_id_ISBN              ? 
_citation.book_publisher            ? 
_citation.book_publisher_city       ? 
_citation.book_title                ? 
_citation.coordinate_linkage        ? 
_citation.country                   ? 
_citation.database_id_Medline       ? 
_citation.details                   ? 
_citation.id                        primary 
_citation.journal_abbrev            'Nat Comput Sci' 
_citation.journal_id_ASTM           ? 
_citation.journal_id_CSD            0353 
_citation.journal_id_ISSN           2662-8457 
_citation.journal_full              ? 
_citation.journal_issue             ? 
_citation.journal_volume            ? 
_citation.language                  ? 
_citation.page_first                ? 
_citation.page_last                 ? 
_citation.title                     'Rotamer-free protein sequence design based on deep learning and self-consistency.' 
_citation.year                      2023 
_citation.database_id_CSD           ? 
_citation.pdbx_database_id_DOI      10.1038/s43588-022-00273-6 
_citation.pdbx_database_id_PubMed   ? 
_citation.pdbx_database_id_patent   ? 
_citation.unpublished_flag          ? 
# 
_citation_author.citation_id        primary 
_citation_author.name               'Zhang, L.' 
_citation_author.ordinal            1 
_citation_author.identifier_ORCID   ? 
# 
_cell.angle_alpha                  90.000 
_cell.angle_alpha_esd              ? 
_cell.angle_beta                   90.000 
_cell.angle_beta_esd               ? 
_cell.angle_gamma                  90.000 
_cell.angle_gamma_esd              ? 
_cell.entry_id                     7VTY 
_cell.details                      ? 
_cell.formula_units_Z              ? 
_cell.length_a                     56.035 
_cell.length_a_esd                 ? 
_cell.length_b                     56.035 
_cell.length_b_esd                 ? 
_cell.length_c                     95.075 
_cell.length_c_esd                 ? 
_cell.volume                       ? 
_cell.volume_esd                   ? 
_cell.Z_PDB                        8 
_cell.reciprocal_angle_alpha       ? 
_cell.reciprocal_angle_beta        ? 
_cell.reciprocal_angle_gamma       ? 
_cell.reciprocal_angle_alpha_esd   ? 
_cell.reciprocal_angle_beta_esd    ? 
_cell.reciprocal_angle_gamma_esd   ? 
_cell.reciprocal_length_a          ? 
_cell.reciprocal_length_b          ? 
_cell.reciprocal_length_c          ? 
_cell.reciprocal_length_a_esd      ? 
_cell.reciprocal_length_b_esd      ? 
_cell.reciprocal_length_c_esd      ? 
_cell.pdbx_unique_axis             ? 
# 
_symmetry.entry_id                         7VTY 
_symmetry.cell_setting                     ? 
_symmetry.Int_Tables_number                80 
_symmetry.space_group_name_Hall            ? 
_symmetry.space_group_name_H-M             'I 41' 
_symmetry.pdbx_full_space_group_name_H-M   ? 
# 
_entity.id                         1 
_entity.type                       polymer 
_entity.src_method                 man 
_entity.pdbx_description           'de novo designed protein' 
_entity.formula_weight             10254.738 
_entity.pdbx_number_of_molecules   1 
_entity.pdbx_ec                    ? 
_entity.pdbx_mutation              ? 
_entity.pdbx_fragment              ? 
_entity.details                    ? 
# 
_entity_poly.entity_id                      1 
_entity_poly.type                           'polypeptide(L)' 
_entity_poly.nstd_linkage                   no 
_entity_poly.nstd_monomer                   no 
_entity_poly.pdbx_seq_one_letter_code       
;AKARDKLEENRDLIVERLKVDEIADFMIEKGELTEEEKKKVDAEDSERKRAEKLVEIVMKMDDAAVKAFYDALKAKGYSD
LASLLESGLC
;
_entity_poly.pdbx_seq_one_letter_code_can   
;AKARDKLEENRDLIVERLKVDEIADFMIEKGELTEEEKKKVDAEDSERKRAEKLVEIVMKMDDAAVKAFYDALKAKGYSD
LASLLESGLC
;
_entity_poly.pdbx_strand_id                 A 
_entity_poly.pdbx_target_identifier         ? 
# 
loop_
_entity_poly_seq.entity_id 
_entity_poly_seq.num 
_entity_poly_seq.mon_id 
_entity_poly_seq.hetero 
1 1  ALA n 
1 2  LYS n 
1 3  ALA n 
1 4  ARG n 
1 5  ASP n 
1 6  LYS n 
1 7  LEU n 
1 8  GLU n 
1 9  GLU n 
1 10 ASN n 
1 11 ARG n 
1 12 ASP n 
1 13 LEU n 
1 14 ILE n 
1 15 VAL n 
1 16 GLU n 
1 17 ARG n 
1 18 LEU n 
1 19 LYS n 
1 20 VAL n 
1 21 ASP n 
1 22 GLU n 
1 23 ILE n 
1 24 ALA n 
1 25 ASP n 
1 26 PHE n 
1 27 MET n 
1 28 ILE n 
1 29 GLU n 
1 30 LYS n 
1 31 GLY n 
1 32 GLU n 
1 33 LEU n 
1 34 THR n 
1 35 GLU n 
1 36 GLU n 
1 37 GLU n 
1 38 LYS n 
1 39 LYS n 
1 40 LYS n 
1 41 VAL n 
1 42 ASP n 
1 43 ALA n 
1 44 GLU n 
1 45 ASP n 
1 46 SER n 
1 47 GLU n 
1 48 ARG n 
1 49 LYS n 
1 50 ARG n 
1 51 ALA n 
1 52 GLU n 
1 53 LYS n 
1 54 LEU n 
1 55 VAL n 
1 56 GLU n 
1 57 ILE n 
1 58 VAL n 
1 59 MET n 
1 60 LYS n 
1 61 MET n 
1 62 ASP n 
1 63 ASP n 
1 64 ALA n 
1 65 ALA n 
1 66 VAL n 
1 67 LYS n 
1 68 ALA n 
1 69 PHE n 
1 70 TYR n 
1 71 ASP n 
1 72 ALA n 
1 73 LEU n 
1 74 LYS n 
1 75 ALA n 
1 76 LYS n 
1 77 GLY n 
1 78 TYR n 
1 79 SER n 
1 80 ASP n 
1 81 LEU n 
1 82 ALA n 
1 83 SER n 
1 84 LEU n 
1 85 LEU n 
1 86 GLU n 
1 87 SER n 
1 88 GLY n 
1 89 LEU n 
1 90 CYS n 
# 
_entity_src_gen.entity_id                          1 
_entity_src_gen.pdbx_src_id                        1 
_entity_src_gen.pdbx_alt_source_flag               sample 
_entity_src_gen.pdbx_seq_type                      'Biological sequence' 
_entity_src_gen.pdbx_beg_seq_num                   1 
_entity_src_gen.pdbx_end_seq_num                   90 
_entity_src_gen.gene_src_common_name               ? 
_entity_src_gen.gene_src_genus                     ? 
_entity_src_gen.pdbx_gene_src_gene                 ? 
_entity_src_gen.gene_src_species                   ? 
_entity_src_gen.gene_src_strain                    ? 
_entity_src_gen.gene_src_tissue                    ? 
_entity_src_gen.gene_src_tissue_fraction           ? 
_entity_src_gen.gene_src_details                   ? 
_entity_src_gen.pdbx_gene_src_fragment             ? 
_entity_src_gen.pdbx_gene_src_scientific_name      'synthetic construct' 
_entity_src_gen.pdbx_gene_src_ncbi_taxonomy_id     32630 
_entity_src_gen.pdbx_gene_src_variant              ? 
_entity_src_gen.pdbx_gene_src_cell_line            ? 
_entity_src_gen.pdbx_gene_src_atcc                 ? 
_entity_src_gen.pdbx_gene_src_organ                ? 
_entity_src_gen.pdbx_gene_src_organelle            ? 
_entity_src_gen.pdbx_gene_src_cell                 ? 
_entity_src_gen.pdbx_gene_src_cellular_location    ? 
_entity_src_gen.host_org_common_name               ? 
_entity_src_gen.pdbx_host_org_scientific_name      'Escherichia coli' 
_entity_src_gen.pdbx_host_org_ncbi_taxonomy_id     562 
_entity_src_gen.host_org_genus                     ? 
_entity_src_gen.pdbx_host_org_gene                 ? 
_entity_src_gen.pdbx_host_org_organ                ? 
_entity_src_gen.host_org_species                   ? 
_entity_src_gen.pdbx_host_org_tissue               ? 
_entity_src_gen.pdbx_host_org_tissue_fraction      ? 
_entity_src_gen.pdbx_host_org_strain               ? 
_entity_src_gen.pdbx_host_org_variant              ? 
_entity_src_gen.pdbx_host_org_cell_line            ? 
_entity_src_gen.pdbx_host_org_atcc                 ? 
_entity_src_gen.pdbx_host_org_culture_collection   ? 
_entity_src_gen.pdbx_host_org_cell                 ? 
_entity_src_gen.pdbx_host_org_organelle            ? 
_entity_src_gen.pdbx_host_org_cellular_location    ? 
_entity_src_gen.pdbx_host_org_vector_type          ? 
_entity_src_gen.pdbx_host_org_vector               ? 
_entity_src_gen.host_org_details                   ? 
_entity_src_gen.expression_system_id               ? 
_entity_src_gen.plasmid_name                       ? 
_entity_src_gen.plasmid_details                    ? 
_entity_src_gen.pdbx_description                   ? 
# 
_struct_ref.id                         1 
_struct_ref.db_name                    PDB 
_struct_ref.db_code                    7VTY 
_struct_ref.pdbx_db_accession          7VTY 
_struct_ref.pdbx_db_isoform            ? 
_struct_ref.entity_id                  1 
_struct_ref.pdbx_seq_one_letter_code   ? 
_struct_ref.pdbx_align_begin           1 
# 
_struct_ref_seq.align_id                      1 
_struct_ref_seq.ref_id                        1 
_struct_ref_seq.pdbx_PDB_id_code              7VTY 
_struct_ref_seq.pdbx_strand_id                A 
_struct_ref_seq.seq_align_beg                 1 
_struct_ref_seq.pdbx_seq_align_beg_ins_code   ? 
_struct_ref_seq.seq_align_end                 90 
_struct_ref_seq.pdbx_seq_align_end_ins_code   ? 
_struct_ref_seq.pdbx_db_accession             7VTY 
_struct_ref_seq.db_align_beg                  3 
_struct_ref_seq.pdbx_db_align_beg_ins_code    ? 
_struct_ref_seq.db_align_end                  92 
_struct_ref_seq.pdbx_db_align_end_ins_code    ? 
_struct_ref_seq.pdbx_auth_seq_align_beg       3 
_struct_ref_seq.pdbx_auth_seq_align_end       92 
# 
loop_
_chem_comp.id 
_chem_comp.type 
_chem_comp.mon_nstd_flag 
_chem_comp.name 
_chem_comp.pdbx_synonyms 
_chem_comp.formula 
_chem_comp.formula_weight 
ALA 'L-peptide linking' y ALANINE         ? 'C3 H7 N O2'     89.093  
ARG 'L-peptide linking' y ARGININE        ? 'C6 H15 N4 O2 1' 175.209 
ASN 'L-peptide linking' y ASPARAGINE      ? 'C4 H8 N2 O3'    132.118 
ASP 'L-peptide linking' y 'ASPARTIC ACID' ? 'C4 H7 N O4'     133.103 
CYS 'L-peptide linking' y CYSTEINE        ? 'C3 H7 N O2 S'   121.158 
GLU 'L-peptide linking' y 'GLUTAMIC ACID' ? 'C5 H9 N O4'     147.129 
GLY 'peptide linking'   y GLYCINE         ? 'C2 H5 N O2'     75.067  
ILE 'L-peptide linking' y ISOLEUCINE      ? 'C6 H13 N O2'    131.173 
LEU 'L-peptide linking' y LEUCINE         ? 'C6 H13 N O2'    131.173 
LYS 'L-peptide linking' y LYSINE          ? 'C6 H15 N2 O2 1' 147.195 
MET 'L-peptide linking' y METHIONINE      ? 'C5 H11 N O2 S'  149.211 
PHE 'L-peptide linking' y PHENYLALANINE   ? 'C9 H11 N O2'    165.189 
SER 'L-peptide linking' y SERINE          ? 'C3 H7 N O3'     105.093 
THR 'L-peptide linking' y THREONINE       ? 'C4 H9 N O3'     119.119 
TYR 'L-peptide linking' y TYROSINE        ? 'C9 H11 N O3'    181.189 
VAL 'L-peptide linking' y VALINE          ? 'C5 H11 N O2'    117.146 
# 
_exptl.absorpt_coefficient_mu     ? 
_exptl.absorpt_correction_T_max   ? 
_exptl.absorpt_correction_T_min   ? 
_exptl.absorpt_correction_type    ? 
_exptl.absorpt_process_details    ? 
_exptl.entry_id                   7VTY 
_exptl.crystals_number            1 
_exptl.details                    ? 
_exptl.method                     'X-RAY DIFFRACTION' 
_exptl.method_details             ? 
# 
_exptl_crystal.colour                      ? 
_exptl_crystal.density_diffrn              ? 
_exptl_crystal.density_Matthews            3.64 
_exptl_crystal.density_method              ? 
_exptl_crystal.density_percent_sol         66.20 
_exptl_crystal.description                 ? 
_exptl_crystal.F_000                       ? 
_exptl_crystal.id                          1 
_exptl_crystal.preparation                 ? 
_exptl_crystal.size_max                    ? 
_exptl_crystal.size_mid                    ? 
_exptl_crystal.size_min                    ? 
_exptl_crystal.size_rad                    ? 
_exptl_crystal.colour_lustre               ? 
_exptl_crystal.colour_modifier             ? 
_exptl_crystal.colour_primary              ? 
_exptl_crystal.density_meas                ? 
_exptl_crystal.density_meas_esd            ? 
_exptl_crystal.density_meas_gt             ? 
_exptl_crystal.density_meas_lt             ? 
_exptl_crystal.density_meas_temp           ? 
_exptl_crystal.density_meas_temp_esd       ? 
_exptl_crystal.density_meas_temp_gt        ? 
_exptl_crystal.density_meas_temp_lt        ? 
_exptl_crystal.pdbx_crystal_image_url      ? 
_exptl_crystal.pdbx_crystal_image_format   ? 
_exptl_crystal.pdbx_mosaicity              ? 
_exptl_crystal.pdbx_mosaicity_esd          ? 
# 
_exptl_crystal_grow.apparatus       ? 
_exptl_crystal_grow.atmosphere      ? 
_exptl_crystal_grow.crystal_id      1 
_exptl_crystal_grow.details         ? 
_exptl_crystal_grow.method          'VAPOR DIFFUSION, HANGING DROP' 
_exptl_crystal_grow.method_ref      ? 
_exptl_crystal_grow.pH              ? 
_exptl_crystal_grow.pressure        ? 
_exptl_crystal_grow.pressure_esd    ? 
_exptl_crystal_grow.seeding         ? 
_exptl_crystal_grow.seeding_ref     ? 
_exptl_crystal_grow.temp            298 
_exptl_crystal_grow.temp_details    ? 
_exptl_crystal_grow.temp_esd        ? 
_exptl_crystal_grow.time            ? 
_exptl_crystal_grow.pdbx_details    
;4% v/v Tacsimate pH 7.0
12% w/v Polyethylene glycol 3,350
;
_exptl_crystal_grow.pdbx_pH_range   ? 
# 
_diffrn.ambient_environment              ? 
_diffrn.ambient_temp                     100 
_diffrn.ambient_temp_details             ? 
_diffrn.ambient_temp_esd                 ? 
_diffrn.crystal_id                       1 
_diffrn.crystal_support                  ? 
_diffrn.crystal_treatment                ? 
_diffrn.details                          ? 
_diffrn.id                               1 
_diffrn.ambient_pressure                 ? 
_diffrn.ambient_pressure_esd             ? 
_diffrn.ambient_pressure_gt              ? 
_diffrn.ambient_pressure_lt              ? 
_diffrn.ambient_temp_gt                  ? 
_diffrn.ambient_temp_lt                  ? 
_diffrn.pdbx_serial_crystal_experiment   N 
# 
_diffrn_detector.details                      ? 
_diffrn_detector.detector                     PIXEL 
_diffrn_detector.diffrn_id                    1 
_diffrn_detector.type                         'DECTRIS EIGER2 X 9M' 
_diffrn_detector.area_resol_mean              ? 
_diffrn_detector.dtime                        ? 
_diffrn_detector.pdbx_frames_total            ? 
_diffrn_detector.pdbx_collection_time_total   ? 
_diffrn_detector.pdbx_collection_date         2021-10-04 
_diffrn_detector.pdbx_frequency               ? 
# 
_diffrn_radiation.collimation                      ? 
_diffrn_radiation.diffrn_id                        1 
_diffrn_radiation.filter_edge                      ? 
_diffrn_radiation.inhomogeneity                    ? 
_diffrn_radiation.monochromator                    ? 
_diffrn_radiation.polarisn_norm                    ? 
_diffrn_radiation.polarisn_ratio                   ? 
_diffrn_radiation.probe                            ? 
_diffrn_radiation.type                             ? 
_diffrn_radiation.xray_symbol                      ? 
_diffrn_radiation.wavelength_id                    1 
_diffrn_radiation.pdbx_monochromatic_or_laue_m_l   M 
_diffrn_radiation.pdbx_wavelength_list             ? 
_diffrn_radiation.pdbx_wavelength                  ? 
_diffrn_radiation.pdbx_diffrn_protocol             'SINGLE WAVELENGTH' 
_diffrn_radiation.pdbx_analyzer                    ? 
_diffrn_radiation.pdbx_scattering_type             x-ray 
# 
_diffrn_radiation_wavelength.id           1 
_diffrn_radiation_wavelength.wavelength   0.9791 
_diffrn_radiation_wavelength.wt           1.0 
# 
_diffrn_source.current                     ? 
_diffrn_source.details                     ? 
_diffrn_source.diffrn_id                   1 
_diffrn_source.power                       ? 
_diffrn_source.size                        ? 
_diffrn_source.source                      SYNCHROTRON 
_diffrn_source.target                      ? 
_diffrn_source.type                        'SSRF BEAMLINE BL02U1' 
_diffrn_source.voltage                     ? 
_diffrn_source.take-off_angle              ? 
_diffrn_source.pdbx_wavelength_list        0.9791 
_diffrn_source.pdbx_wavelength             ? 
_diffrn_source.pdbx_synchrotron_beamline   BL02U1 
_diffrn_source.pdbx_synchrotron_site       SSRF 
# 
_reflns.B_iso_Wilson_estimate                          68.520 
_reflns.entry_id                                       7VTY 
_reflns.data_reduction_details                         ? 
_reflns.data_reduction_method                          ? 
_reflns.d_resolution_high                              2.50 
_reflns.d_resolution_low                               48.27 
_reflns.details                                        ? 
_reflns.limit_h_max                                    ? 
_reflns.limit_h_min                                    ? 
_reflns.limit_k_max                                    ? 
_reflns.limit_k_min                                    ? 
_reflns.limit_l_max                                    ? 
_reflns.limit_l_min                                    ? 
_reflns.number_all                                     ? 
_reflns.number_obs                                     4957 
_reflns.observed_criterion                             ? 
_reflns.observed_criterion_F_max                       ? 
_reflns.observed_criterion_F_min                       ? 
_reflns.observed_criterion_I_max                       ? 
_reflns.observed_criterion_I_min                       ? 
_reflns.observed_criterion_sigma_F                     ? 
_reflns.observed_criterion_sigma_I                     ? 
_reflns.percent_possible_obs                           97.0 
_reflns.R_free_details                                 ? 
_reflns.Rmerge_F_all                                   ? 
_reflns.Rmerge_F_obs                                   ? 
_reflns.Friedel_coverage                               ? 
_reflns.number_gt                                      ? 
_reflns.threshold_expression                           ? 
_reflns.pdbx_redundancy                                6.1 
_reflns.pdbx_Rmerge_I_obs                              ? 
_reflns.pdbx_Rmerge_I_all                              ? 
_reflns.pdbx_Rsym_value                                ? 
_reflns.pdbx_netI_over_av_sigmaI                       ? 
_reflns.pdbx_netI_over_sigmaI                          8.7 
_reflns.pdbx_res_netI_over_av_sigmaI_2                 ? 
_reflns.pdbx_res_netI_over_sigmaI_2                    ? 
_reflns.pdbx_chi_squared                               ? 
_reflns.pdbx_scaling_rejects                           ? 
_reflns.pdbx_d_res_high_opt                            ? 
_reflns.pdbx_d_res_low_opt                             ? 
_reflns.pdbx_d_res_opt_method                          ? 
_reflns.phase_calculation_details                      ? 
_reflns.pdbx_Rrim_I_all                                ? 
_reflns.pdbx_Rpim_I_all                                ? 
_reflns.pdbx_d_opt                                     ? 
_reflns.pdbx_number_measured_all                       ? 
_reflns.pdbx_diffrn_id                                 1 
_reflns.pdbx_ordinal                                   1 
_reflns.pdbx_CC_half                                   0.997 
_reflns.pdbx_CC_star                                   ? 
_reflns.pdbx_R_split                                   ? 
_reflns.pdbx_aniso_diffraction_limit_axis_1_ortho[1]   ? 
_reflns.pdbx_aniso_diffraction_limit_axis_1_ortho[2]   ? 
_reflns.pdbx_aniso_diffraction_limit_axis_1_ortho[3]   ? 
_reflns.pdbx_aniso_diffraction_limit_axis_2_ortho[1]   ? 
_reflns.pdbx_aniso_diffraction_limit_axis_2_ortho[2]   ? 
_reflns.pdbx_aniso_diffraction_limit_axis_2_ortho[3]   ? 
_reflns.pdbx_aniso_diffraction_limit_axis_3_ortho[1]   ? 
_reflns.pdbx_aniso_diffraction_limit_axis_3_ortho[2]   ? 
_reflns.pdbx_aniso_diffraction_limit_axis_3_ortho[3]   ? 
_reflns.pdbx_aniso_diffraction_limit_1                 ? 
_reflns.pdbx_aniso_diffraction_limit_2                 ? 
_reflns.pdbx_aniso_diffraction_limit_3                 ? 
_reflns.pdbx_aniso_B_tensor_eigenvector_1_ortho[1]     ? 
_reflns.pdbx_aniso_B_tensor_eigenvector_1_ortho[2]     ? 
_reflns.pdbx_aniso_B_tensor_eigenvector_1_ortho[3]     ? 
_reflns.pdbx_aniso_B_tensor_eigenvector_2_ortho[1]     ? 
_reflns.pdbx_aniso_B_tensor_eigenvector_2_ortho[2]     ? 
_reflns.pdbx_aniso_B_tensor_eigenvector_2_ortho[3]     ? 
_reflns.pdbx_aniso_B_tensor_eigenvector_3_ortho[1]     ? 
_reflns.pdbx_aniso_B_tensor_eigenvector_3_ortho[2]     ? 
_reflns.pdbx_aniso_B_tensor_eigenvector_3_ortho[3]     ? 
_reflns.pdbx_aniso_B_tensor_eigenvalue_1               ? 
_reflns.pdbx_aniso_B_tensor_eigenvalue_2               ? 
_reflns.pdbx_aniso_B_tensor_eigenvalue_3               ? 
_reflns.pdbx_orthogonalization_convention              ? 
_reflns.pdbx_percent_possible_ellipsoidal              ? 
_reflns.pdbx_percent_possible_spherical                ? 
_reflns.pdbx_percent_possible_ellipsoidal_anomalous    ? 
_reflns.pdbx_percent_possible_spherical_anomalous      ? 
_reflns.pdbx_redundancy_anomalous                      ? 
_reflns.pdbx_CC_half_anomalous                         ? 
_reflns.pdbx_absDiff_over_sigma_anomalous              ? 
_reflns.pdbx_percent_possible_anomalous                ? 
_reflns.pdbx_observed_signal_threshold                 ? 
_reflns.pdbx_signal_type                               ? 
_reflns.pdbx_signal_details                            ? 
_reflns.pdbx_signal_software_id                        ? 
# 
_reflns_shell.d_res_high                                    2.50 
_reflns_shell.d_res_low                                     2.60 
_reflns_shell.meanI_over_sigI_all                           ? 
_reflns_shell.meanI_over_sigI_obs                           ? 
_reflns_shell.number_measured_all                           ? 
_reflns_shell.number_measured_obs                           ? 
_reflns_shell.number_possible                               ? 
_reflns_shell.number_unique_all                             ? 
_reflns_shell.number_unique_obs                             569 
_reflns_shell.percent_possible_all                          ? 
_reflns_shell.percent_possible_obs                          ? 
_reflns_shell.Rmerge_F_all                                  ? 
_reflns_shell.Rmerge_F_obs                                  ? 
_reflns_shell.Rmerge_I_all                                  ? 
_reflns_shell.Rmerge_I_obs                                  ? 
_reflns_shell.meanI_over_sigI_gt                            ? 
_reflns_shell.meanI_over_uI_all                             ? 
_reflns_shell.meanI_over_uI_gt                              ? 
_reflns_shell.number_measured_gt                            ? 
_reflns_shell.number_unique_gt                              ? 
_reflns_shell.percent_possible_gt                           ? 
_reflns_shell.Rmerge_F_gt                                   ? 
_reflns_shell.Rmerge_I_gt                                   ? 
_reflns_shell.pdbx_redundancy                               ? 
_reflns_shell.pdbx_Rsym_value                               ? 
_reflns_shell.pdbx_chi_squared                              ? 
_reflns_shell.pdbx_netI_over_sigmaI_all                     ? 
_reflns_shell.pdbx_netI_over_sigmaI_obs                     ? 
_reflns_shell.pdbx_Rrim_I_all                               ? 
_reflns_shell.pdbx_Rpim_I_all                               ? 
_reflns_shell.pdbx_rejects                                  ? 
_reflns_shell.pdbx_ordinal                                  1 
_reflns_shell.pdbx_diffrn_id                                1 
_reflns_shell.pdbx_CC_half                                  0.766 
_reflns_shell.pdbx_CC_star                                  ? 
_reflns_shell.pdbx_R_split                                  ? 
_reflns_shell.pdbx_percent_possible_ellipsoidal             ? 
_reflns_shell.pdbx_percent_possible_spherical               ? 
_reflns_shell.pdbx_percent_possible_ellipsoidal_anomalous   ? 
_reflns_shell.pdbx_percent_possible_spherical_anomalous     ? 
_reflns_shell.pdbx_redundancy_anomalous                     ? 
_reflns_shell.pdbx_CC_half_anomalous                        ? 
_reflns_shell.pdbx_absDiff_over_sigma_anomalous             ? 
_reflns_shell.pdbx_percent_possible_anomalous               ? 
# 
_refine.aniso_B[1][1]                            ? 
_refine.aniso_B[1][2]                            ? 
_refine.aniso_B[1][3]                            ? 
_refine.aniso_B[2][2]                            ? 
_refine.aniso_B[2][3]                            ? 
_refine.aniso_B[3][3]                            ? 
_refine.B_iso_max                                120.750 
_refine.B_iso_mean                               70.9146 
_refine.B_iso_min                                44.010 
_refine.correlation_coeff_Fo_to_Fc               ? 
_refine.correlation_coeff_Fo_to_Fc_free          ? 
_refine.details                                  ? 
_refine.diff_density_max                         ? 
_refine.diff_density_max_esd                     ? 
_refine.diff_density_min                         ? 
_refine.diff_density_min_esd                     ? 
_refine.diff_density_rms                         ? 
_refine.diff_density_rms_esd                     ? 
_refine.entry_id                                 7VTY 
_refine.pdbx_refine_id                           'X-RAY DIFFRACTION' 
_refine.ls_abs_structure_details                 ? 
_refine.ls_abs_structure_Flack                   ? 
_refine.ls_abs_structure_Flack_esd               ? 
_refine.ls_abs_structure_Rogers                  ? 
_refine.ls_abs_structure_Rogers_esd              ? 
_refine.ls_d_res_high                            2.5000 
_refine.ls_d_res_low                             39.6200 
_refine.ls_extinction_coef                       ? 
_refine.ls_extinction_coef_esd                   ? 
_refine.ls_extinction_expression                 ? 
_refine.ls_extinction_method                     ? 
_refine.ls_goodness_of_fit_all                   ? 
_refine.ls_goodness_of_fit_all_esd               ? 
_refine.ls_goodness_of_fit_obs                   ? 
_refine.ls_goodness_of_fit_obs_esd               ? 
_refine.ls_hydrogen_treatment                    ? 
_refine.ls_matrix_type                           ? 
_refine.ls_number_constraints                    ? 
_refine.ls_number_parameters                     ? 
_refine.ls_number_reflns_all                     ? 
_refine.ls_number_reflns_obs                     4944 
_refine.ls_number_reflns_R_free                  264 
_refine.ls_number_reflns_R_work                  4680 
_refine.ls_number_restraints                     ? 
_refine.ls_percent_reflns_obs                    96.8800 
_refine.ls_percent_reflns_R_free                 5.3400 
_refine.ls_R_factor_all                          ? 
_refine.ls_R_factor_obs                          0.2262 
_refine.ls_R_factor_R_free                       0.2754 
_refine.ls_R_factor_R_free_error                 ? 
_refine.ls_R_factor_R_free_error_details         ? 
_refine.ls_R_factor_R_work                       0.2235 
_refine.ls_R_Fsqd_factor_obs                     ? 
_refine.ls_R_I_factor_obs                        ? 
_refine.ls_redundancy_reflns_all                 ? 
_refine.ls_redundancy_reflns_obs                 ? 
_refine.ls_restrained_S_all                      ? 
_refine.ls_restrained_S_obs                      ? 
_refine.ls_shift_over_esd_max                    ? 
_refine.ls_shift_over_esd_mean                   ? 
_refine.ls_structure_factor_coef                 ? 
_refine.ls_weighting_details                     ? 
_refine.ls_weighting_scheme                      ? 
_refine.ls_wR_factor_all                         ? 
_refine.ls_wR_factor_obs                         ? 
_refine.ls_wR_factor_R_free                      ? 
_refine.ls_wR_factor_R_work                      ? 
_refine.occupancy_max                            ? 
_refine.occupancy_min                            ? 
_refine.solvent_model_details                    'FLAT BULK SOLVENT MODEL' 
_refine.solvent_model_param_bsol                 ? 
_refine.solvent_model_param_ksol                 ? 
_refine.pdbx_R_complete                          ? 
_refine.ls_R_factor_gt                           ? 
_refine.ls_goodness_of_fit_gt                    ? 
_refine.ls_goodness_of_fit_ref                   ? 
_refine.ls_shift_over_su_max                     ? 
_refine.ls_shift_over_su_max_lt                  ? 
_refine.ls_shift_over_su_mean                    ? 
_refine.ls_shift_over_su_mean_lt                 ? 
_refine.pdbx_ls_sigma_I                          ? 
_refine.pdbx_ls_sigma_F                          1.400 
_refine.pdbx_ls_sigma_Fsqd                       ? 
_refine.pdbx_data_cutoff_high_absF               ? 
_refine.pdbx_data_cutoff_high_rms_absF           ? 
_refine.pdbx_data_cutoff_low_absF                ? 
_refine.pdbx_isotropic_thermal_model             ? 
_refine.pdbx_ls_cross_valid_method               THROUGHOUT 
_refine.pdbx_method_to_determine_struct          'MOLECULAR REPLACEMENT' 
_refine.pdbx_starting_model                      1cy5 
_refine.pdbx_stereochemistry_target_values       ML 
_refine.pdbx_R_Free_selection_details            ? 
_refine.pdbx_stereochem_target_val_spec_case     ? 
_refine.pdbx_overall_ESU_R                       ? 
_refine.pdbx_overall_ESU_R_Free                  ? 
_refine.pdbx_solvent_vdw_probe_radii             1.1100 
_refine.pdbx_solvent_ion_probe_radii             ? 
_refine.pdbx_solvent_shrinkage_radii             0.9000 
_refine.pdbx_real_space_R                        ? 
_refine.pdbx_density_correlation                 ? 
_refine.pdbx_pd_number_of_powder_patterns        ? 
_refine.pdbx_pd_number_of_points                 ? 
_refine.pdbx_pd_meas_number_of_points            ? 
_refine.pdbx_pd_proc_ls_prof_R_factor            ? 
_refine.pdbx_pd_proc_ls_prof_wR_factor           ? 
_refine.pdbx_pd_Marquardt_correlation_coeff      ? 
_refine.pdbx_pd_Fsqrd_R_factor                   ? 
_refine.pdbx_pd_ls_matrix_band_width             ? 
_refine.pdbx_overall_phase_error                 22.4600 
_refine.pdbx_overall_SU_R_free_Cruickshank_DPI   ? 
_refine.pdbx_overall_SU_R_free_Blow_DPI          ? 
_refine.pdbx_overall_SU_R_Blow_DPI               ? 
_refine.pdbx_TLS_residual_ADP_flag               ? 
_refine.pdbx_diffrn_id                           1 
_refine.overall_SU_B                             ? 
_refine.overall_SU_ML                            0.0900 
_refine.overall_SU_R_Cruickshank_DPI             ? 
_refine.overall_SU_R_free                        ? 
_refine.overall_FOM_free_R_set                   ? 
_refine.overall_FOM_work_R_set                   ? 
_refine.pdbx_average_fsc_overall                 ? 
_refine.pdbx_average_fsc_work                    ? 
_refine.pdbx_average_fsc_free                    ? 
# 
_refine_hist.pdbx_refine_id                   'X-RAY DIFFRACTION' 
_refine_hist.cycle_id                         final 
_refine_hist.details                          ? 
_refine_hist.d_res_high                       2.5000 
_refine_hist.d_res_low                        39.6200 
_refine_hist.number_atoms_solvent             0 
_refine_hist.number_atoms_total               715 
_refine_hist.number_reflns_all                ? 
_refine_hist.number_reflns_obs                ? 
_refine_hist.number_reflns_R_free             ? 
_refine_hist.number_reflns_R_work             ? 
_refine_hist.R_factor_all                     ? 
_refine_hist.R_factor_obs                     ? 
_refine_hist.R_factor_R_free                  ? 
_refine_hist.R_factor_R_work                  ? 
_refine_hist.pdbx_number_residues_total       90 
_refine_hist.pdbx_B_iso_mean_ligand           ? 
_refine_hist.pdbx_B_iso_mean_solvent          ? 
_refine_hist.pdbx_number_atoms_protein        715 
_refine_hist.pdbx_number_atoms_nucleic_acid   0 
_refine_hist.pdbx_number_atoms_ligand         0 
_refine_hist.pdbx_number_atoms_lipid          ? 
_refine_hist.pdbx_number_atoms_carb           ? 
_refine_hist.pdbx_pseudo_atom_details         ? 
# 
loop_
_refine_ls_shell.pdbx_refine_id 
_refine_ls_shell.d_res_high 
_refine_ls_shell.d_res_low 
_refine_ls_shell.number_reflns_all 
_refine_ls_shell.number_reflns_obs 
_refine_ls_shell.number_reflns_R_free 
_refine_ls_shell.number_reflns_R_work 
_refine_ls_shell.percent_reflns_obs 
_refine_ls_shell.percent_reflns_R_free 
_refine_ls_shell.R_factor_all 
_refine_ls_shell.R_factor_obs 
_refine_ls_shell.R_factor_R_free 
_refine_ls_shell.R_factor_R_free_error 
_refine_ls_shell.R_factor_R_work 
_refine_ls_shell.redundancy_reflns_all 
_refine_ls_shell.redundancy_reflns_obs 
_refine_ls_shell.wR_factor_all 
_refine_ls_shell.wR_factor_obs 
_refine_ls_shell.wR_factor_R_free 
_refine_ls_shell.wR_factor_R_work 
_refine_ls_shell.pdbx_R_complete 
_refine_ls_shell.pdbx_total_number_of_bins_used 
_refine_ls_shell.pdbx_phase_error 
_refine_ls_shell.pdbx_fsc_work 
_refine_ls_shell.pdbx_fsc_free 
'X-RAY DIFFRACTION' 2.5000 3.1500  2514 . 146 2368 99.0000 . . . 0.3600 0.0000 0.2744 . . . . . . . 2 . . . 
'X-RAY DIFFRACTION' 3.1500 39.6200 2430 . 118 2312 95.0000 . . . 0.2532 0.0000 0.2120 . . . . . . . 2 . . . 
# 
_struct.entry_id                     7VTY 
_struct.title                        'de novo designed protein' 
_struct.pdbx_model_details           ? 
_struct.pdbx_formula_weight          ? 
_struct.pdbx_formula_weight_method   ? 
_struct.pdbx_model_type_details      ? 
_struct.pdbx_CASP_flag               N 
# 
_struct_keywords.entry_id        7VTY 
_struct_keywords.text            'de novo protein' 
_struct_keywords.pdbx_keywords   'DE NOVO PROTEIN' 
# 
_struct_asym.id                            A 
_struct_asym.pdbx_blank_PDB_chainid_flag   N 
_struct_asym.pdbx_modified                 N 
_struct_asym.entity_id                     1 
_struct_asym.details                       ? 
# 
loop_
_struct_conf.conf_type_id 
_struct_conf.id 
_struct_conf.pdbx_PDB_helix_id 
_struct_conf.beg_label_comp_id 
_struct_conf.beg_label_asym_id 
_struct_conf.beg_label_seq_id 
_struct_conf.pdbx_beg_PDB_ins_code 
_struct_conf.end_label_comp_id 
_struct_conf.end_label_asym_id 
_struct_conf.end_label_seq_id 
_struct_conf.pdbx_end_PDB_ins_code 
_struct_conf.beg_auth_comp_id 
_struct_conf.beg_auth_asym_id 
_struct_conf.beg_auth_seq_id 
_struct_conf.end_auth_comp_id 
_struct_conf.end_auth_asym_id 
_struct_conf.end_auth_seq_id 
_struct_conf.pdbx_PDB_helix_class 
_struct_conf.details 
_struct_conf.pdbx_PDB_helix_length 
HELX_P HELX_P1 AA1 LYS A 2  ? ASN A 10 ? LYS A 4  ASN A 12 1 ? 9  
HELX_P HELX_P2 AA2 ASN A 10 ? GLU A 16 ? ASN A 12 GLU A 18 1 ? 7  
HELX_P HELX_P3 AA3 LYS A 19 ? LYS A 30 ? LYS A 21 LYS A 32 1 ? 12 
HELX_P HELX_P4 AA4 THR A 34 ? ALA A 43 ? THR A 36 ALA A 45 1 ? 10 
HELX_P HELX_P5 AA5 SER A 46 ? MET A 61 ? SER A 48 MET A 63 1 ? 16 
HELX_P HELX_P6 AA6 ASP A 62 ? LYS A 76 ? ASP A 64 LYS A 78 1 ? 15 
HELX_P HELX_P7 AA7 TYR A 78 ? LEU A 84 ? TYR A 80 LEU A 86 1 ? 7  
# 
_struct_conf_type.id          HELX_P 
_struct_conf_type.criteria    ? 
_struct_conf_type.reference   ? 
# 
_atom_sites.entry_id                    7VTY 
_atom_sites.Cartn_transf_matrix[1][1]   ? 
_atom_sites.Cartn_transf_matrix[1][2]   ? 
_atom_sites.Cartn_transf_matrix[1][3]   ? 
_atom_sites.Cartn_transf_matrix[2][1]   ? 
_atom_sites.Cartn_transf_matrix[2][2]   ? 
_atom_sites.Cartn_transf_matrix[2][3]   ? 
_atom_sites.Cartn_transf_matrix[3][1]   ? 
_atom_sites.Cartn_transf_matrix[3][2]   ? 
_atom_sites.Cartn_transf_matrix[3][3]   ? 
_atom_sites.Cartn_transf_vector[1]      ? 
_atom_sites.Cartn_transf_vector[2]      ? 
_atom_sites.Cartn_transf_vector[3]      ? 
_atom_sites.fract_transf_matrix[1][1]   -0.00716204 
_atom_sites.fract_transf_matrix[1][2]   -0.00084786 
_atom_sites.fract_transf_matrix[1][3]   0.01632379 
_atom_sites.fract_transf_matrix[2][1]   0.01216980 
_atom_sites.fract_transf_matrix[2][2]   -0.01217450 
_atom_sites.fract_transf_matrix[2][3]   0.00470714 
_atom_sites.fract_transf_matrix[3][1]   0.00643152 
_atom_sites.fract_transf_matrix[3][2]   0.00767417 
_atom_sites.fract_transf_matrix[3][3]   0.00322041 
_atom_sites.fract_transf_vector[1]      0.280824 
_atom_sites.fract_transf_vector[2]      0.158958 
_atom_sites.fract_transf_vector[3]      -0.001813 
_atom_sites.solution_primary            ? 
_atom_sites.solution_secondary          ? 
_atom_sites.solution_hydrogens          ? 
_atom_sites.special_details             ? 
# 
loop_
_atom_type.symbol 
C 
N 
O 
S 
# 
loop_
_atom_site.group_PDB 
_atom_site.id 
_atom_site.type_symbol 
_atom_site.label_atom_id 
_atom_site.label_alt_id 
_atom_site.label_comp_id 
_atom_site.label_asym_id 
_atom_site.label_entity_id 
_atom_site.label_seq_id 
_atom_site.pdbx_PDB_ins_code 
_atom_site.Cartn_x 
_atom_site.Cartn_y 
_atom_site.Cartn_z 
_atom_site.occupancy 
_atom_site.B_iso_or_equiv 
_atom_site.pdbx_formal_charge 
_atom_site.auth_seq_id 
_atom_site.auth_comp_id 
_atom_site.auth_asym_id 
_atom_site.auth_atom_id 
_atom_site.pdbx_PDB_model_num 
ATOM 1   N N   . ALA A 1 1  ? -6.499  -5.096  -13.488 1.00 104.99 ? 3  ALA A N   1 
ATOM 2   C CA  . ALA A 1 1  ? -5.611  -6.058  -14.134 1.00 100.26 ? 3  ALA A CA  1 
ATOM 3   C C   . ALA A 1 1  ? -4.307  -5.405  -14.598 1.00 98.90  ? 3  ALA A C   1 
ATOM 4   O O   . ALA A 1 1  ? -3.561  -6.001  -15.372 1.00 111.98 ? 3  ALA A O   1 
ATOM 5   C CB  . ALA A 1 1  ? -6.318  -6.733  -15.319 1.00 80.00  ? 3  ALA A CB  1 
ATOM 6   N N   . LYS A 1 2  ? -4.027  -4.181  -14.141 1.00 85.20  ? 4  LYS A N   1 
ATOM 7   C CA  . LYS A 1 2  ? -2.764  -3.547  -14.506 1.00 80.30  ? 4  LYS A CA  1 
ATOM 8   C C   . LYS A 1 2  ? -2.063  -2.894  -13.322 1.00 73.05  ? 4  LYS A C   1 
ATOM 9   O O   . LYS A 1 2  ? -0.845  -3.046  -13.170 1.00 65.59  ? 4  LYS A O   1 
ATOM 10  C CB  . LYS A 1 2  ? -2.977  -2.514  -15.604 1.00 78.04  ? 4  LYS A CB  1 
ATOM 11  C CG  . LYS A 1 2  ? -1.687  -2.070  -16.229 1.00 71.94  ? 4  LYS A CG  1 
ATOM 12  C CD  . LYS A 1 2  ? -0.957  -3.208  -16.895 1.00 89.49  ? 4  LYS A CD  1 
ATOM 13  C CE  . LYS A 1 2  ? 0.176   -2.668  -17.745 1.00 82.04  ? 4  LYS A CE  1 
ATOM 14  N NZ  . LYS A 1 2  ? 1.481   -3.230  -17.305 1.00 83.85  ? 4  LYS A NZ  1 
ATOM 15  N N   . ALA A 1 3  ? -2.801  -2.148  -12.488 1.00 67.19  ? 5  ALA A N   1 
ATOM 16  C CA  . ALA A 1 3  ? -2.168  -1.589  -11.297 1.00 64.63  ? 5  ALA A CA  1 
ATOM 17  C C   . ALA A 1 3  ? -1.794  -2.682  -10.302 1.00 69.90  ? 5  ALA A C   1 
ATOM 18  O O   . ALA A 1 3  ? -0.779  -2.555  -9.606  1.00 75.12  ? 5  ALA A O   1 
ATOM 19  C CB  . ALA A 1 3  ? -3.075  -0.544  -10.639 1.00 61.17  ? 5  ALA A CB  1 
ATOM 20  N N   . ARG A 1 4  ? -2.585  -3.755  -10.222 1.00 69.55  ? 6  ARG A N   1 
ATOM 21  C CA  . ARG A 1 4  ? -2.181  -4.943  -9.471  1.00 60.39  ? 6  ARG A CA  1 
ATOM 22  C C   . ARG A 1 4  ? -0.788  -5.398  -9.866  1.00 73.77  ? 6  ARG A C   1 
ATOM 23  O O   . ARG A 1 4  ? 0.110   -5.530  -9.020  1.00 72.26  ? 6  ARG A O   1 
ATOM 24  C CB  . ARG A 1 4  ? -3.166  -6.094  -9.700  1.00 70.53  ? 6  ARG A CB  1 
ATOM 25  C CG  . ARG A 1 4  ? -4.559  -5.826  -9.213  1.00 76.19  ? 6  ARG A CG  1 
ATOM 26  C CD  . ARG A 1 4  ? -5.258  -7.103  -8.821  1.00 81.09  ? 6  ARG A CD  1 
ATOM 27  N NE  . ARG A 1 4  ? -4.663  -7.724  -7.638  1.00 78.49  ? 6  ARG A NE  1 
ATOM 28  C CZ  . ARG A 1 4  ? -3.913  -8.814  -7.686  1.00 77.53  ? 6  ARG A CZ  1 
ATOM 29  N NH1 . ARG A 1 4  ? -3.588  -9.376  -8.839  1.00 79.24  ? 6  ARG A NH1 1 
ATOM 30  N NH2 . ARG A 1 4  ? -3.482  -9.357  -6.549  1.00 66.12  ? 6  ARG A NH2 1 
ATOM 31  N N   . ASP A 1 5  ? -0.602  -5.654  -11.164 1.00 70.43  ? 7  ASP A N   1 
ATOM 32  C CA  . ASP A 1 5  ? 0.664   -6.180  -11.662 1.00 74.55  ? 7  ASP A CA  1 
ATOM 33  C C   . ASP A 1 5  ? 1.788   -5.163  -11.558 1.00 75.33  ? 7  ASP A C   1 
ATOM 34  O O   . ASP A 1 5  ? 2.946   -5.545  -11.340 1.00 74.52  ? 7  ASP A O   1 
ATOM 35  C CB  . ASP A 1 5  ? 0.506   -6.619  -13.114 1.00 73.35  ? 7  ASP A CB  1 
ATOM 36  C CG  . ASP A 1 5  ? -0.787  -7.334  -13.350 1.00 78.09  ? 7  ASP A CG  1 
ATOM 37  O OD1 . ASP A 1 5  ? -1.206  -8.115  -12.468 1.00 89.74  ? 7  ASP A OD1 1 
ATOM 38  O OD2 . ASP A 1 5  ? -1.394  -7.096  -14.403 1.00 85.81  ? 7  ASP A OD2 1 
ATOM 39  N N   . LYS A 1 6  ? 1.479   -3.875  -11.747 1.00 73.59  ? 8  LYS A N   1 
ATOM 40  C CA  . LYS A 1 6  ? 2.494   -2.849  -11.540 1.00 73.00  ? 8  LYS A CA  1 
ATOM 41  C C   . LYS A 1 6  ? 2.985   -2.878  -10.104 1.00 72.57  ? 8  LYS A C   1 
ATOM 42  O O   . LYS A 1 6  ? 4.190   -2.738  -9.848  1.00 70.00  ? 8  LYS A O   1 
ATOM 43  C CB  . LYS A 1 6  ? 1.939   -1.465  -11.906 1.00 76.74  ? 8  LYS A CB  1 
ATOM 44  C CG  . LYS A 1 6  ? 1.423   -1.332  -13.345 1.00 71.52  ? 8  LYS A CG  1 
ATOM 45  C CD  . LYS A 1 6  ? 2.602   -1.081  -14.296 1.00 80.82  ? 8  LYS A CD  1 
ATOM 46  C CE  . LYS A 1 6  ? 3.783   -0.418  -13.585 1.00 87.74  ? 8  LYS A CE  1 
ATOM 47  N NZ  . LYS A 1 6  ? 4.707   0.328   -14.498 1.00 91.43  ? 8  LYS A NZ  1 
ATOM 48  N N   . LEU A 1 7  ? 2.063   -3.130  -9.156  1.00 68.48  ? 9  LEU A N   1 
ATOM 49  C CA  . LEU A 1 7  ? 2.403   -3.124  -7.736  1.00 63.87  ? 9  LEU A CA  1 
ATOM 50  C C   . LEU A 1 7  ? 3.240   -4.340  -7.342  1.00 72.43  ? 9  LEU A C   1 
ATOM 51  O O   . LEU A 1 7  ? 4.177   -4.210  -6.546  1.00 68.97  ? 9  LEU A O   1 
ATOM 52  C CB  . LEU A 1 7  ? 1.133   -3.042  -6.889  1.00 65.13  ? 9  LEU A CB  1 
ATOM 53  C CG  . LEU A 1 7  ? 1.289   -3.253  -5.371  1.00 66.13  ? 9  LEU A CG  1 
ATOM 54  C CD1 . LEU A 1 7  ? 2.109   -2.169  -4.714  1.00 55.80  ? 9  LEU A CD1 1 
ATOM 55  C CD2 . LEU A 1 7  ? -0.052  -3.344  -4.689  1.00 54.99  ? 9  LEU A CD2 1 
ATOM 56  N N   . GLU A 1 8  ? 2.929   -5.533  -7.872  1.00 62.52  ? 10 GLU A N   1 
ATOM 57  C CA  . GLU A 1 8  ? 3.764   -6.685  -7.531  1.00 69.09  ? 10 GLU A CA  1 
ATOM 58  C C   . GLU A 1 8  ? 5.139   -6.560  -8.173  1.00 76.77  ? 10 GLU A C   1 
ATOM 59  O O   . GLU A 1 8  ? 6.146   -6.916  -7.551  1.00 63.51  ? 10 GLU A O   1 
ATOM 60  C CB  . GLU A 1 8  ? 3.096   -8.013  -7.925  1.00 73.56  ? 10 GLU A CB  1 
ATOM 61  C CG  . GLU A 1 8  ? 2.309   -8.003  -9.224  1.00 91.66  ? 10 GLU A CG  1 
ATOM 62  C CD  . GLU A 1 8  ? 2.147   -9.400  -9.822  1.00 98.10  ? 10 GLU A CD  1 
ATOM 63  O OE1 . GLU A 1 8  ? 0.994   -9.872  -9.906  1.00 98.80  ? 10 GLU A OE1 1 
ATOM 64  O OE2 . GLU A 1 8  ? 3.162   -10.024 -10.213 1.00 112.39 ? 10 GLU A OE2 1 
ATOM 65  N N   . GLU A 1 9  ? 5.203   -6.025  -9.400  1.00 69.32  ? 11 GLU A N   1 
ATOM 66  C CA  . GLU A 1 9  ? 6.493   -5.800  -10.047 1.00 65.61  ? 11 GLU A CA  1 
ATOM 67  C C   . GLU A 1 9  ? 7.385   -4.927  -9.186  1.00 65.53  ? 11 GLU A C   1 
ATOM 68  O O   . GLU A 1 9  ? 8.519   -5.299  -8.874  1.00 83.50  ? 11 GLU A O   1 
ATOM 69  C CB  . GLU A 1 9  ? 6.304   -5.172  -11.434 1.00 68.25  ? 11 GLU A CB  1 
ATOM 70  C CG  . GLU A 1 9  ? 6.352   -6.192  -12.583 1.00 88.35  ? 11 GLU A CG  1 
ATOM 71  C CD  . GLU A 1 9  ? 5.369   -5.898  -13.713 1.00 92.47  ? 11 GLU A CD  1 
ATOM 72  O OE1 . GLU A 1 9  ? 5.295   -4.731  -14.161 1.00 91.55  ? 11 GLU A OE1 1 
ATOM 73  O OE2 . GLU A 1 9  ? 4.668   -6.843  -14.148 1.00 93.57  ? 11 GLU A OE2 1 
ATOM 74  N N   . ASN A 1 10 ? 6.888   -3.775  -8.759  1.00 68.56  ? 12 ASN A N   1 
ATOM 75  C CA  . ASN A 1 10 ? 7.734   -2.845  -8.028  1.00 65.96  ? 12 ASN A CA  1 
ATOM 76  C C   . ASN A 1 10 ? 7.696   -3.072  -6.517  1.00 69.84  ? 12 ASN A C   1 
ATOM 77  O O   . ASN A 1 10 ? 8.140   -2.203  -5.750  1.00 66.13  ? 12 ASN A O   1 
ATOM 78  C CB  . ASN A 1 10 ? 7.348   -1.411  -8.394  1.00 63.26  ? 12 ASN A CB  1 
ATOM 79  C CG  . ASN A 1 10 ? 7.503   -1.147  -9.879  1.00 69.95  ? 12 ASN A CG  1 
ATOM 80  O OD1 . ASN A 1 10 ? 8.614   -0.926  -10.374 1.00 77.82  ? 12 ASN A OD1 1 
ATOM 81  N ND2 . ASN A 1 10 ? 6.402   -1.215  -10.605 1.00 70.78  ? 12 ASN A ND2 1 
ATOM 82  N N   . ARG A 1 11 ? 7.227   -4.246  -6.089  1.00 63.45  ? 13 ARG A N   1 
ATOM 83  C CA  . ARG A 1 11 ? 7.061   -4.534  -4.669  1.00 54.79  ? 13 ARG A CA  1 
ATOM 84  C C   . ARG A 1 11 ? 8.322   -4.231  -3.861  1.00 62.72  ? 13 ARG A C   1 
ATOM 85  O O   . ARG A 1 11 ? 8.246   -3.637  -2.777  1.00 77.69  ? 13 ARG A O   1 
ATOM 86  C CB  . ARG A 1 11 ? 6.654   -5.994  -4.490  1.00 72.25  ? 13 ARG A CB  1 
ATOM 87  C CG  . ARG A 1 11 ? 5.969   -6.249  -3.178  1.00 69.29  ? 13 ARG A CG  1 
ATOM 88  C CD  . ARG A 1 11 ? 6.356   -7.571  -2.604  1.00 76.60  ? 13 ARG A CD  1 
ATOM 89  N NE  . ARG A 1 11 ? 5.426   -7.918  -1.542  1.00 89.64  ? 13 ARG A NE  1 
ATOM 90  C CZ  . ARG A 1 11 ? 4.292   -8.576  -1.735  1.00 83.60  ? 13 ARG A CZ  1 
ATOM 91  N NH1 . ARG A 1 11 ? 3.940   -9.013  -2.935  1.00 80.16  ? 13 ARG A NH1 1 
ATOM 92  N NH2 . ARG A 1 11 ? 3.495   -8.813  -0.697  1.00 82.55  ? 13 ARG A NH2 1 
ATOM 93  N N   . ASP A 1 12 ? 9.493   -4.613  -4.371  1.00 71.57  ? 14 ASP A N   1 
ATOM 94  C CA  . ASP A 1 12 ? 10.716  -4.432  -3.591  1.00 67.52  ? 14 ASP A CA  1 
ATOM 95  C C   . ASP A 1 12 ? 11.033  -2.960  -3.344  1.00 77.45  ? 14 ASP A C   1 
ATOM 96  O O   . ASP A 1 12 ? 11.420  -2.591  -2.227  1.00 72.83  ? 14 ASP A O   1 
ATOM 97  C CB  . ASP A 1 12 ? 11.878  -5.118  -4.289  1.00 73.83  ? 14 ASP A CB  1 
ATOM 98  C CG  . ASP A 1 12 ? 11.865  -6.607  -4.074  1.00 90.20  ? 14 ASP A CG  1 
ATOM 99  O OD1 . ASP A 1 12 ? 11.211  -7.051  -3.099  1.00 91.63  ? 14 ASP A OD1 1 
ATOM 100 O OD2 . ASP A 1 12 ? 12.496  -7.323  -4.880  1.00 97.73  ? 14 ASP A OD2 1 
ATOM 101 N N   . LEU A 1 13 ? 10.883  -2.104  -4.370  1.00 69.22  ? 15 LEU A N   1 
ATOM 102 C CA  . LEU A 1 13 ? 11.179  -0.685  -4.189  1.00 75.91  ? 15 LEU A CA  1 
ATOM 103 C C   . LEU A 1 13 ? 10.231  -0.050  -3.195  1.00 77.33  ? 15 LEU A C   1 
ATOM 104 O O   . LEU A 1 13 ? 10.608  0.901   -2.494  1.00 69.81  ? 15 LEU A O   1 
ATOM 105 C CB  . LEU A 1 13 ? 11.093  0.077   -5.514  1.00 68.09  ? 15 LEU A CB  1 
ATOM 106 C CG  . LEU A 1 13 ? 12.257  -0.088  -6.479  1.00 72.46  ? 15 LEU A CG  1 
ATOM 107 C CD1 . LEU A 1 13 ? 12.020  0.723   -7.725  1.00 73.06  ? 15 LEU A CD1 1 
ATOM 108 C CD2 . LEU A 1 13 ? 13.551  0.320   -5.821  1.00 68.41  ? 15 LEU A CD2 1 
ATOM 109 N N   . ILE A 1 14 ? 8.998   -0.564  -3.130  1.00 68.35  ? 16 ILE A N   1 
ATOM 110 C CA  . ILE A 1 14 ? 7.961   0.038   -2.301  1.00 60.84  ? 16 ILE A CA  1 
ATOM 111 C C   . ILE A 1 14 ? 8.189   -0.297  -0.837  1.00 58.16  ? 16 ILE A C   1 
ATOM 112 O O   . ILE A 1 14 ? 8.071   0.572   0.035   1.00 69.67  ? 16 ILE A O   1 
ATOM 113 C CB  . ILE A 1 14 ? 6.575   -0.421  -2.791  1.00 62.34  ? 16 ILE A CB  1 
ATOM 114 C CG1 . ILE A 1 14 ? 6.198   0.333   -4.062  1.00 59.32  ? 16 ILE A CG1 1 
ATOM 115 C CG2 . ILE A 1 14 ? 5.505   -0.270  -1.701  1.00 47.50  ? 16 ILE A CG2 1 
ATOM 116 C CD1 . ILE A 1 14 ? 5.007   -0.270  -4.794  1.00 59.77  ? 16 ILE A CD1 1 
ATOM 117 N N   . VAL A 1 15 ? 8.548   -1.548  -0.541  1.00 66.78  ? 17 VAL A N   1 
ATOM 118 C CA  . VAL A 1 15 ? 8.660   -1.969  0.853   1.00 66.32  ? 17 VAL A CA  1 
ATOM 119 C C   . VAL A 1 15 ? 9.925   -1.449  1.534   1.00 73.01  ? 17 VAL A C   1 
ATOM 120 O O   . VAL A 1 15 ? 9.960   -1.380  2.768   1.00 66.93  ? 17 VAL A O   1 
ATOM 121 C CB  . VAL A 1 15 ? 8.583   -3.500  0.940   1.00 76.63  ? 17 VAL A CB  1 
ATOM 122 C CG1 . VAL A 1 15 ? 7.388   -4.011  0.142   1.00 62.34  ? 17 VAL A CG1 1 
ATOM 123 C CG2 . VAL A 1 15 ? 9.862   -4.113  0.413   1.00 62.88  ? 17 VAL A CG2 1 
ATOM 124 N N   . GLU A 1 16 ? 10.967  -1.079  0.776   1.00 80.63  ? 18 GLU A N   1 
ATOM 125 C CA  . GLU A 1 16 ? 12.148  -0.444  1.369   1.00 79.43  ? 18 GLU A CA  1 
ATOM 126 C C   . GLU A 1 16 ? 11.853  0.938   1.937   1.00 72.63  ? 18 GLU A C   1 
ATOM 127 O O   . GLU A 1 16 ? 12.659  1.439   2.723   1.00 60.95  ? 18 GLU A O   1 
ATOM 128 C CB  . GLU A 1 16 ? 13.276  -0.282  0.334   1.00 74.83  ? 18 GLU A CB  1 
ATOM 129 C CG  . GLU A 1 16 ? 13.702  -1.539  -0.387  1.00 71.85  ? 18 GLU A CG  1 
ATOM 130 C CD  . GLU A 1 16 ? 14.716  -1.274  -1.498  1.00 85.18  ? 18 GLU A CD  1 
ATOM 131 O OE1 . GLU A 1 16 ? 15.390  -0.225  -1.462  1.00 69.91  ? 18 GLU A OE1 1 
ATOM 132 O OE2 . GLU A 1 16 ? 14.841  -2.125  -2.415  1.00 105.50 ? 18 GLU A OE2 1 
ATOM 133 N N   . ARG A 1 17 ? 10.738  1.565   1.534   1.00 69.75  ? 19 ARG A N   1 
ATOM 134 C CA  . ARG A 1 17 ? 10.524  3.003   1.682   1.00 69.42  ? 19 ARG A CA  1 
ATOM 135 C C   . ARG A 1 17 ? 9.250   3.385   2.408   1.00 72.65  ? 19 ARG A C   1 
ATOM 136 O O   . ARG A 1 17 ? 9.142   4.535   2.860   1.00 68.83  ? 19 ARG A O   1 
ATOM 137 C CB  . ARG A 1 17 ? 10.505  3.663   0.301   1.00 65.55  ? 19 ARG A CB  1 
ATOM 138 C CG  . ARG A 1 17 ? 11.755  3.323   -0.428  1.00 78.61  ? 19 ARG A CG  1 
ATOM 139 C CD  . ARG A 1 17 ? 11.724  3.500   -1.918  1.00 77.05  ? 19 ARG A CD  1 
ATOM 140 N NE  . ARG A 1 17 ? 13.091  3.282   -2.377  1.00 64.39  ? 19 ARG A NE  1 
ATOM 141 C CZ  . ARG A 1 17 ? 13.815  4.184   -3.010  1.00 82.97  ? 19 ARG A CZ  1 
ATOM 142 N NH1 . ARG A 1 17 ? 13.302  5.347   -3.364  1.00 99.26  ? 19 ARG A NH1 1 
ATOM 143 N NH2 . ARG A 1 17 ? 15.091  3.919   -3.275  1.00 85.08  ? 19 ARG A NH2 1 
ATOM 144 N N   . LEU A 1 18 ? 8.293   2.475   2.526   1.00 71.45  ? 20 LEU A N   1 
ATOM 145 C CA  . LEU A 1 18 ? 6.981   2.766   3.087   1.00 62.30  ? 20 LEU A CA  1 
ATOM 146 C C   . LEU A 1 18 ? 7.068   2.953   4.594   1.00 61.50  ? 20 LEU A C   1 
ATOM 147 O O   . LEU A 1 18 ? 7.437   2.027   5.323   1.00 77.17  ? 20 LEU A O   1 
ATOM 148 C CB  . LEU A 1 18 ? 6.038   1.616   2.760   1.00 78.73  ? 20 LEU A CB  1 
ATOM 149 C CG  . LEU A 1 18 ? 4.620   1.825   2.264   1.00 72.23  ? 20 LEU A CG  1 
ATOM 150 C CD1 . LEU A 1 18 ? 4.583   2.948   1.230   1.00 72.52  ? 20 LEU A CD1 1 
ATOM 151 C CD2 . LEU A 1 18 ? 4.167   0.514   1.666   1.00 56.90  ? 20 LEU A CD2 1 
ATOM 152 N N   . LYS A 1 19 ? 6.745   4.154   5.059   1.00 75.41  ? 21 LYS A N   1 
ATOM 153 C CA  . LYS A 1 19 ? 6.399   4.366   6.462   1.00 67.35  ? 21 LYS A CA  1 
ATOM 154 C C   . LYS A 1 19 ? 4.933   3.977   6.611   1.00 65.87  ? 21 LYS A C   1 
ATOM 155 O O   . LYS A 1 19 ? 4.027   4.749   6.280   1.00 73.36  ? 21 LYS A O   1 
ATOM 156 C CB  . LYS A 1 19 ? 6.669   5.811   6.875   1.00 72.61  ? 21 LYS A CB  1 
ATOM 157 C CG  . LYS A 1 19 ? 8.125   6.214   6.651   1.00 79.27  ? 21 LYS A CG  1 
ATOM 158 C CD  . LYS A 1 19 ? 9.047   5.268   7.431   1.00 86.74  ? 21 LYS A CD  1 
ATOM 159 C CE  . LYS A 1 19 ? 10.519  5.482   7.111   1.00 84.29  ? 21 LYS A CE  1 
ATOM 160 N NZ  . LYS A 1 19 ? 11.246  4.187   6.947   1.00 99.04  ? 21 LYS A NZ  1 
ATOM 161 N N   . VAL A 1 20 ? 4.708   2.777   7.147   1.00 68.57  ? 22 VAL A N   1 
ATOM 162 C CA  . VAL A 1 20 ? 3.462   2.042   6.931   1.00 62.33  ? 22 VAL A CA  1 
ATOM 163 C C   . VAL A 1 20 ? 2.260   2.749   7.533   1.00 65.84  ? 22 VAL A C   1 
ATOM 164 O O   . VAL A 1 20 ? 1.162   2.707   6.955   1.00 69.08  ? 22 VAL A O   1 
ATOM 165 C CB  . VAL A 1 20 ? 3.617   0.609   7.481   1.00 72.55  ? 22 VAL A CB  1 
ATOM 166 C CG1 . VAL A 1 20 ? 2.288   0.036   7.868   1.00 81.83  ? 22 VAL A CG1 1 
ATOM 167 C CG2 . VAL A 1 20 ? 4.244   -0.288  6.427   1.00 70.97  ? 22 VAL A CG2 1 
ATOM 168 N N   . ASP A 1 21 ? 2.431   3.419   8.684   1.00 70.37  ? 23 ASP A N   1 
ATOM 169 C CA  . ASP A 1 21 ? 1.274   3.916   9.434   1.00 65.02  ? 23 ASP A CA  1 
ATOM 170 C C   . ASP A 1 21 ? 0.631   5.113   8.743   1.00 66.80  ? 23 ASP A C   1 
ATOM 171 O O   . ASP A 1 21 ? -0.600  5.248   8.742   1.00 74.10  ? 23 ASP A O   1 
ATOM 172 C CB  . ASP A 1 21 ? 1.685   4.271   10.862  1.00 68.90  ? 23 ASP A CB  1 
ATOM 173 C CG  . ASP A 1 21 ? 1.973   3.038   11.711  1.00 86.30  ? 23 ASP A CG  1 
ATOM 174 O OD1 . ASP A 1 21 ? 1.086   2.165   11.793  1.00 83.66  ? 23 ASP A OD1 1 
ATOM 175 O OD2 . ASP A 1 21 ? 3.083   2.932   12.289  1.00 87.40  ? 23 ASP A OD2 1 
ATOM 176 N N   . GLU A 1 22 ? 1.455   6.017   8.207   1.00 63.23  ? 24 GLU A N   1 
ATOM 177 C CA  . GLU A 1 22 ? 1.019   7.059   7.279   1.00 65.66  ? 24 GLU A CA  1 
ATOM 178 C C   . GLU A 1 22 ? 0.042   6.515   6.248   1.00 68.73  ? 24 GLU A C   1 
ATOM 179 O O   . GLU A 1 22 ? -1.048  7.064   6.039   1.00 74.53  ? 24 GLU A O   1 
ATOM 180 C CB  . GLU A 1 22 ? 2.250   7.624   6.556   1.00 74.59  ? 24 GLU A CB  1 
ATOM 181 C CG  . GLU A 1 22 ? 2.484   9.113   6.628   1.00 76.74  ? 24 GLU A CG  1 
ATOM 182 C CD  . GLU A 1 22 ? 3.935   9.458   6.299   1.00 85.47  ? 24 GLU A CD  1 
ATOM 183 O OE1 . GLU A 1 22 ? 4.492   8.887   5.324   1.00 79.90  ? 24 GLU A OE1 1 
ATOM 184 O OE2 . GLU A 1 22 ? 4.522   10.289  7.025   1.00 99.93  ? 24 GLU A OE2 1 
ATOM 185 N N   . ILE A 1 23 ? 0.444   5.439   5.572   1.00 64.98  ? 25 ILE A N   1 
ATOM 186 C CA  . ILE A 1 23 ? -0.391  4.851   4.537   1.00 54.01  ? 25 ILE A CA  1 
ATOM 187 C C   . ILE A 1 23 ? -1.601  4.176   5.170   1.00 59.67  ? 25 ILE A C   1 
ATOM 188 O O   . ILE A 1 23 ? -2.745  4.404   4.766   1.00 60.46  ? 25 ILE A O   1 
ATOM 189 C CB  . ILE A 1 23 ? 0.447   3.878   3.680   1.00 61.44  ? 25 ILE A CB  1 
ATOM 190 C CG1 . ILE A 1 23 ? 1.658   4.602   3.050   1.00 59.40  ? 25 ILE A CG1 1 
ATOM 191 C CG2 . ILE A 1 23 ? -0.396  3.160   2.618   1.00 48.35  ? 25 ILE A CG2 1 
ATOM 192 C CD1 . ILE A 1 23 ? 1.355   5.981   2.450   1.00 56.02  ? 25 ILE A CD1 1 
ATOM 193 N N   . ALA A 1 24 ? -1.371  3.369   6.205   1.00 50.12  ? 26 ALA A N   1 
ATOM 194 C CA  . ALA A 1 24 ? -2.476  2.637   6.803   1.00 55.50  ? 26 ALA A CA  1 
ATOM 195 C C   . ALA A 1 24 ? -3.589  3.588   7.232   1.00 68.62  ? 26 ALA A C   1 
ATOM 196 O O   . ALA A 1 24 ? -4.765  3.370   6.894   1.00 61.04  ? 26 ALA A O   1 
ATOM 197 C CB  . ALA A 1 24 ? -1.976  1.805   7.980   1.00 59.14  ? 26 ALA A CB  1 
ATOM 198 N N   . ASP A 1 25 ? -3.224  4.673   7.927   1.00 62.46  ? 27 ASP A N   1 
ATOM 199 C CA  . ASP A 1 25 ? -4.207  5.636   8.416   1.00 64.43  ? 27 ASP A CA  1 
ATOM 200 C C   . ASP A 1 25 ? -4.982  6.264   7.274   1.00 62.76  ? 27 ASP A C   1 
ATOM 201 O O   . ASP A 1 25 ? -6.195  6.459   7.376   1.00 71.51  ? 27 ASP A O   1 
ATOM 202 C CB  . ASP A 1 25 ? -3.522  6.725   9.238   1.00 64.99  ? 27 ASP A CB  1 
ATOM 203 C CG  . ASP A 1 25 ? -3.259  6.303   10.676  1.00 79.22  ? 27 ASP A CG  1 
ATOM 204 O OD1 . ASP A 1 25 ? -3.864  5.300   11.139  1.00 69.50  ? 27 ASP A OD1 1 
ATOM 205 O OD2 . ASP A 1 25 ? -2.459  6.992   11.346  1.00 87.59  ? 27 ASP A OD2 1 
ATOM 206 N N   . PHE A 1 26 ? -4.301  6.564   6.166   1.00 62.32  ? 28 PHE A N   1 
ATOM 207 C CA  . PHE A 1 26 ? -5.003  7.061   4.992   1.00 56.46  ? 28 PHE A CA  1 
ATOM 208 C C   . PHE A 1 26 ? -5.981  6.017   4.451   1.00 67.35  ? 28 PHE A C   1 
ATOM 209 O O   . PHE A 1 26 ? -7.118  6.351   4.088   1.00 70.62  ? 28 PHE A O   1 
ATOM 210 C CB  . PHE A 1 26 ? -3.994  7.483   3.910   1.00 61.75  ? 28 PHE A CB  1 
ATOM 211 C CG  . PHE A 1 26 ? -4.632  8.187   2.725   1.00 60.64  ? 28 PHE A CG  1 
ATOM 212 C CD1 . PHE A 1 26 ? -5.344  7.463   1.759   1.00 51.40  ? 28 PHE A CD1 1 
ATOM 213 C CD2 . PHE A 1 26 ? -4.518  9.568   2.580   1.00 51.91  ? 28 PHE A CD2 1 
ATOM 214 C CE1 . PHE A 1 26 ? -5.953  8.102   0.660   1.00 57.73  ? 28 PHE A CE1 1 
ATOM 215 C CE2 . PHE A 1 26 ? -5.109  10.222  1.483   1.00 66.59  ? 28 PHE A CE2 1 
ATOM 216 C CZ  . PHE A 1 26 ? -5.827  9.488   0.516   1.00 54.44  ? 28 PHE A CZ  1 
ATOM 217 N N   . MET A 1 27 ? -5.560  4.749   4.371   1.00 61.73  ? 29 MET A N   1 
ATOM 218 C CA  . MET A 1 27 ? -6.435  3.754   3.761   1.00 63.09  ? 29 MET A CA  1 
ATOM 219 C C   . MET A 1 27 ? -7.667  3.508   4.622   1.00 58.27  ? 29 MET A C   1 
ATOM 220 O O   . MET A 1 27 ? -8.722  3.129   4.103   1.00 70.42  ? 29 MET A O   1 
ATOM 221 C CB  . MET A 1 27 ? -5.671  2.441   3.504   1.00 54.30  ? 29 MET A CB  1 
ATOM 222 C CG  . MET A 1 27 ? -4.519  2.548   2.504   1.00 55.38  ? 29 MET A CG  1 
ATOM 223 S SD  . MET A 1 27 ? -3.813  0.912   2.143   1.00 61.02  ? 29 MET A SD  1 
ATOM 224 C CE  . MET A 1 27 ? -5.351  0.122   1.576   1.00 50.78  ? 29 MET A CE  1 
ATOM 225 N N   . ILE A 1 28 ? -7.553  3.733   5.930   1.00 59.95  ? 30 ILE A N   1 
ATOM 226 C CA  . ILE A 1 28 ? -8.679  3.523   6.830   1.00 56.08  ? 30 ILE A CA  1 
ATOM 227 C C   . ILE A 1 28 ? -9.727  4.601   6.612   1.00 55.55  ? 30 ILE A C   1 
ATOM 228 O O   . ILE A 1 28 ? -10.917 4.306   6.441   1.00 59.39  ? 30 ILE A O   1 
ATOM 229 C CB  . ILE A 1 28 ? -8.181  3.484   8.285   1.00 66.72  ? 30 ILE A CB  1 
ATOM 230 C CG1 . ILE A 1 28 ? -7.017  2.486   8.402   1.00 65.20  ? 30 ILE A CG1 1 
ATOM 231 C CG2 . ILE A 1 28 ? -9.314  3.159   9.206   1.00 63.37  ? 30 ILE A CG2 1 
ATOM 232 C CD1 . ILE A 1 28 ? -6.812  1.861   9.761   1.00 59.18  ? 30 ILE A CD1 1 
ATOM 233 N N   . GLU A 1 29 ? -9.290  5.865   6.560   1.00 51.35  ? 31 GLU A N   1 
ATOM 234 C CA  . GLU A 1 29 ? -10.199 6.966   6.246   1.00 60.64  ? 31 GLU A CA  1 
ATOM 235 C C   . GLU A 1 29 ? -10.930 6.728   4.930   1.00 60.85  ? 31 GLU A C   1 
ATOM 236 O O   . GLU A 1 29 ? -12.073 7.172   4.765   1.00 58.58  ? 31 GLU A O   1 
ATOM 237 C CB  . GLU A 1 29 ? -9.433  8.301   6.207   1.00 58.92  ? 31 GLU A CB  1 
ATOM 238 C CG  . GLU A 1 29 ? -8.463  8.466   7.383   1.00 79.82  ? 31 GLU A CG  1 
ATOM 239 C CD  . GLU A 1 29 ? -7.694  9.791   7.396   1.00 103.92 ? 31 GLU A CD  1 
ATOM 240 O OE1 . GLU A 1 29 ? -7.262  10.277  6.321   1.00 90.32  ? 31 GLU A OE1 1 
ATOM 241 O OE2 . GLU A 1 29 ? -7.517  10.344  8.507   1.00 117.39 ? 31 GLU A OE2 1 
ATOM 242 N N   . LYS A 1 30 ? -10.302 6.032   3.981   1.00 59.75  ? 32 LYS A N   1 
ATOM 243 C CA  . LYS A 1 30 ? -10.997 5.734   2.738   1.00 62.37  ? 32 LYS A CA  1 
ATOM 244 C C   . LYS A 1 30 ? -11.852 4.483   2.853   1.00 59.87  ? 32 LYS A C   1 
ATOM 245 O O   . LYS A 1 30 ? -12.460 4.078   1.863   1.00 66.11  ? 32 LYS A O   1 
ATOM 246 C CB  . LYS A 1 30 ? -10.006 5.583   1.569   1.00 59.26  ? 32 LYS A CB  1 
ATOM 247 C CG  . LYS A 1 30 ? -9.358  6.875   1.092   1.00 63.74  ? 32 LYS A CG  1 
ATOM 248 C CD  . LYS A 1 30 ? -10.194 7.537   0.001   1.00 90.22  ? 32 LYS A CD  1 
ATOM 249 C CE  . LYS A 1 30 ? -9.815  9.015   -0.211  1.00 76.70  ? 32 LYS A CE  1 
ATOM 250 N NZ  . LYS A 1 30 ? -10.310 9.559   -1.508  1.00 92.50  ? 32 LYS A NZ  1 
ATOM 251 N N   . GLY A 1 31 ? -11.918 3.863   4.027   1.00 54.79  ? 33 GLY A N   1 
ATOM 252 C CA  . GLY A 1 31 ? -12.689 2.643   4.150   1.00 55.65  ? 33 GLY A CA  1 
ATOM 253 C C   . GLY A 1 31 ? -12.079 1.463   3.429   1.00 69.23  ? 33 GLY A C   1 
ATOM 254 O O   . GLY A 1 31 ? -12.809 0.605   2.925   1.00 61.84  ? 33 GLY A O   1 
ATOM 255 N N   . GLU A 1 32 ? -10.751 1.402   3.353   1.00 67.81  ? 34 GLU A N   1 
ATOM 256 C CA  . GLU A 1 32 ? -10.081 0.322   2.648   1.00 61.23  ? 34 GLU A CA  1 
ATOM 257 C C   . GLU A 1 32 ? -9.036  -0.365  3.510   1.00 60.44  ? 34 GLU A C   1 
ATOM 258 O O   . GLU A 1 32 ? -8.288  -1.200  2.998   1.00 65.64  ? 34 GLU A O   1 
ATOM 259 C CB  . GLU A 1 32 ? -9.454  0.844   1.352   1.00 70.52  ? 34 GLU A CB  1 
ATOM 260 C CG  . GLU A 1 32 ? -10.484 1.064   0.242   1.00 71.05  ? 34 GLU A CG  1 
ATOM 261 C CD  . GLU A 1 32 ? -11.437 -0.118  0.104   1.00 74.35  ? 34 GLU A CD  1 
ATOM 262 O OE1 . GLU A 1 32 ? -12.637 0.041   0.401   1.00 90.61  ? 34 GLU A OE1 1 
ATOM 263 O OE2 . GLU A 1 32 ? -11.001 -1.203  -0.306  1.00 81.48  ? 34 GLU A OE2 1 
ATOM 264 N N   . LEU A 1 33 ? -8.974  -0.044  4.800   1.00 49.56  ? 35 LEU A N   1 
ATOM 265 C CA  . LEU A 1 33 ? -8.170  -0.785  5.761   1.00 61.24  ? 35 LEU A CA  1 
ATOM 266 C C   . LEU A 1 33 ? -8.857  -0.717  7.119   1.00 59.32  ? 35 LEU A C   1 
ATOM 267 O O   . LEU A 1 33 ? -9.463  0.300   7.460   1.00 68.43  ? 35 LEU A O   1 
ATOM 268 C CB  . LEU A 1 33 ? -6.752  -0.225  5.863   1.00 58.08  ? 35 LEU A CB  1 
ATOM 269 C CG  . LEU A 1 33 ? -5.747  -1.092  6.613   1.00 52.11  ? 35 LEU A CG  1 
ATOM 270 C CD1 . LEU A 1 33 ? -5.625  -2.430  5.892   1.00 59.75  ? 35 LEU A CD1 1 
ATOM 271 C CD2 . LEU A 1 33 ? -4.442  -0.395  6.621   1.00 44.01  ? 35 LEU A CD2 1 
ATOM 272 N N   . THR A 1 34 ? -8.767  -1.799  7.883   1.00 53.92  ? 36 THR A N   1 
ATOM 273 C CA  . THR A 1 34 ? -9.293  -1.814  9.237   1.00 53.90  ? 36 THR A CA  1 
ATOM 274 C C   . THR A 1 34 ? -8.198  -1.473  10.229  1.00 67.07  ? 36 THR A C   1 
ATOM 275 O O   . THR A 1 34 ? -7.015  -1.762  10.014  1.00 67.23  ? 36 THR A O   1 
ATOM 276 C CB  . THR A 1 34 ? -9.888  -3.171  9.624   1.00 64.38  ? 36 THR A CB  1 
ATOM 277 O OG1 . THR A 1 34 ? -8.838  -4.162  9.719   1.00 59.32  ? 36 THR A OG1 1 
ATOM 278 C CG2 . THR A 1 34 ? -10.943 -3.601  8.623   1.00 47.10  ? 36 THR A CG2 1 
ATOM 279 N N   . GLU A 1 35 ? -8.616  -0.843  11.325  1.00 81.69  ? 37 GLU A N   1 
ATOM 280 C CA  . GLU A 1 35 ? -7.756  -0.703  12.488  1.00 67.79  ? 37 GLU A CA  1 
ATOM 281 C C   . GLU A 1 35 ? -7.181  -2.049  12.912  1.00 64.93  ? 37 GLU A C   1 
ATOM 282 O O   . GLU A 1 35 ? -6.004  -2.143  13.289  1.00 75.98  ? 37 GLU A O   1 
ATOM 283 C CB  . GLU A 1 35 ? -8.558  -0.074  13.622  1.00 60.54  ? 37 GLU A CB  1 
ATOM 284 C CG  . GLU A 1 35 ? -7.855  1.041   14.332  1.00 70.81  ? 37 GLU A CG  1 
ATOM 285 C CD  . GLU A 1 35 ? -8.694  1.580   15.465  1.00 91.18  ? 37 GLU A CD  1 
ATOM 286 O OE1 . GLU A 1 35 ? -9.150  0.771   16.315  1.00 81.58  ? 37 GLU A OE1 1 
ATOM 287 O OE2 . GLU A 1 35 ? -8.918  2.809   15.490  1.00 92.74  ? 37 GLU A OE2 1 
ATOM 288 N N   . GLU A 1 36 ? -8.005  -3.101  12.876  1.00 69.61  ? 38 GLU A N   1 
ATOM 289 C CA  . GLU A 1 36 ? -7.531  -4.437  13.238  1.00 75.04  ? 38 GLU A CA  1 
ATOM 290 C C   . GLU A 1 36 ? -6.407  -4.890  12.306  1.00 74.71  ? 38 GLU A C   1 
ATOM 291 O O   . GLU A 1 36 ? -5.320  -5.269  12.762  1.00 70.51  ? 38 GLU A O   1 
ATOM 292 C CB  . GLU A 1 36 ? -8.713  -5.410  13.220  1.00 66.54  ? 38 GLU A CB  1 
ATOM 293 C CG  . GLU A 1 36 ? -8.567  -6.651  14.084  1.00 95.35  ? 38 GLU A CG  1 
ATOM 294 C CD  . GLU A 1 36 ? -9.490  -7.779  13.625  1.00 105.26 ? 38 GLU A CD  1 
ATOM 295 O OE1 . GLU A 1 36 ? -10.610 -7.469  13.158  1.00 120.75 ? 38 GLU A OE1 1 
ATOM 296 O OE2 . GLU A 1 36 ? -9.107  -8.970  13.739  1.00 112.21 ? 38 GLU A OE2 1 
ATOM 297 N N   . GLU A 1 37 ? -6.637  -4.824  10.989  1.00 55.01  ? 39 GLU A N   1 
ATOM 298 C CA  . GLU A 1 37 ? -5.556  -5.109  10.051  1.00 60.33  ? 39 GLU A CA  1 
ATOM 299 C C   . GLU A 1 37 ? -4.356  -4.197  10.276  1.00 63.07  ? 39 GLU A C   1 
ATOM 300 O O   . GLU A 1 37 ? -3.215  -4.591  10.002  1.00 64.06  ? 39 GLU A O   1 
ATOM 301 C CB  . GLU A 1 37 ? -6.056  -4.978  8.610   1.00 69.45  ? 39 GLU A CB  1 
ATOM 302 C CG  . GLU A 1 37 ? -6.882  -6.149  8.118   1.00 59.95  ? 39 GLU A CG  1 
ATOM 303 C CD  . GLU A 1 37 ? -7.878  -5.735  7.041   1.00 78.14  ? 39 GLU A CD  1 
ATOM 304 O OE1 . GLU A 1 37 ? -8.206  -4.521  6.955   1.00 72.13  ? 39 GLU A OE1 1 
ATOM 305 O OE2 . GLU A 1 37 ? -8.334  -6.621  6.284   1.00 79.83  ? 39 GLU A OE2 1 
ATOM 306 N N   . LYS A 1 38 ? -4.589  -2.973  10.759  1.00 63.00  ? 40 LYS A N   1 
ATOM 307 C CA  . LYS A 1 38 ? -3.466  -2.082  11.035  1.00 68.75  ? 40 LYS A CA  1 
ATOM 308 C C   . LYS A 1 38 ? -2.645  -2.566  12.232  1.00 72.19  ? 40 LYS A C   1 
ATOM 309 O O   . LYS A 1 38 ? -1.416  -2.409  12.246  1.00 71.68  ? 40 LYS A O   1 
ATOM 310 C CB  . LYS A 1 38 ? -3.958  -0.651  11.263  1.00 65.83  ? 40 LYS A CB  1 
ATOM 311 C CG  . LYS A 1 38 ? -2.811  0.328   11.476  1.00 55.98  ? 40 LYS A CG  1 
ATOM 312 C CD  . LYS A 1 38 ? -3.233  1.767   11.379  1.00 63.68  ? 40 LYS A CD  1 
ATOM 313 C CE  . LYS A 1 38 ? -2.419  2.592   12.369  1.00 57.47  ? 40 LYS A CE  1 
ATOM 314 N NZ  . LYS A 1 38 ? -3.193  3.740   12.925  1.00 90.48  ? 40 LYS A NZ  1 
ATOM 315 N N   . LYS A 1 39 ? -3.296  -3.154  13.247  1.00 72.36  ? 41 LYS A N   1 
ATOM 316 C CA  . LYS A 1 39 ? -2.532  -3.686  14.374  1.00 77.98  ? 41 LYS A CA  1 
ATOM 317 C C   . LYS A 1 39 ? -1.770  -4.939  13.976  1.00 82.66  ? 41 LYS A C   1 
ATOM 318 O O   . LYS A 1 39 ? -0.661  -5.174  14.479  1.00 82.87  ? 41 LYS A O   1 
ATOM 319 C CB  . LYS A 1 39 ? -3.429  -3.974  15.585  1.00 70.77  ? 41 LYS A CB  1 
ATOM 320 C CG  . LYS A 1 39 ? -3.803  -2.729  16.398  1.00 86.46  ? 41 LYS A CG  1 
ATOM 321 C CD  . LYS A 1 39 ? -3.529  -2.937  17.896  1.00 94.21  ? 41 LYS A CD  1 
ATOM 322 C CE  . LYS A 1 39 ? -3.492  -1.615  18.676  1.00 90.04  ? 41 LYS A CE  1 
ATOM 323 N NZ  . LYS A 1 39 ? -2.135  -0.986  18.675  1.00 83.22  ? 41 LYS A NZ  1 
ATOM 324 N N   . LYS A 1 40 ? -2.324  -5.738  13.058  1.00 72.64  ? 42 LYS A N   1 
ATOM 325 C CA  . LYS A 1 40 ? -1.587  -6.915  12.610  1.00 76.22  ? 42 LYS A CA  1 
ATOM 326 C C   . LYS A 1 40 ? -0.381  -6.519  11.754  1.00 71.13  ? 42 LYS A C   1 
ATOM 327 O O   . LYS A 1 40 ? 0.689   -7.127  11.863  1.00 76.10  ? 42 LYS A O   1 
ATOM 328 C CB  . LYS A 1 40 ? -2.521  -7.882  11.872  1.00 71.91  ? 42 LYS A CB  1 
ATOM 329 C CG  . LYS A 1 40 ? -1.819  -9.180  11.446  1.00 92.34  ? 42 LYS A CG  1 
ATOM 330 C CD  . LYS A 1 40 ? -2.641  -10.439 11.758  1.00 93.27  ? 42 LYS A CD  1 
ATOM 331 C CE  . LYS A 1 40 ? -2.014  -11.718 11.149  1.00 91.53  ? 42 LYS A CE  1 
ATOM 332 N NZ  . LYS A 1 40 ? -0.769  -12.207 11.833  1.00 87.51  ? 42 LYS A NZ  1 
ATOM 333 N N   . VAL A 1 41 ? -0.524  -5.492  10.913  1.00 75.88  ? 43 VAL A N   1 
ATOM 334 C CA  . VAL A 1 41 ? 0.626   -4.971  10.172  1.00 63.50  ? 43 VAL A CA  1 
ATOM 335 C C   . VAL A 1 41 ? 1.701   -4.489  11.138  1.00 79.15  ? 43 VAL A C   1 
ATOM 336 O O   . VAL A 1 41 ? 2.881   -4.845  11.015  1.00 74.63  ? 43 VAL A O   1 
ATOM 337 C CB  . VAL A 1 41 ? 0.183   -3.843  9.221   1.00 74.22  ? 43 VAL A CB  1 
ATOM 338 C CG1 . VAL A 1 41 ? 1.393   -3.158  8.618   1.00 62.27  ? 43 VAL A CG1 1 
ATOM 339 C CG2 . VAL A 1 41 ? -0.736  -4.383  8.114   1.00 57.10  ? 43 VAL A CG2 1 
ATOM 340 N N   . ASP A 1 42 ? 1.295   -3.667  12.117  1.00 72.91  ? 44 ASP A N   1 
ATOM 341 C CA  . ASP A 1 42 ? 2.198   -3.184  13.162  1.00 78.31  ? 44 ASP A CA  1 
ATOM 342 C C   . ASP A 1 42 ? 2.981   -4.303  13.844  1.00 78.32  ? 44 ASP A C   1 
ATOM 343 O O   . ASP A 1 42 ? 4.112   -4.078  14.283  1.00 77.83  ? 44 ASP A O   1 
ATOM 344 C CB  . ASP A 1 42 ? 1.400   -2.413  14.219  1.00 74.02  ? 44 ASP A CB  1 
ATOM 345 C CG  . ASP A 1 42 ? 1.039   -0.990  13.773  1.00 96.03  ? 44 ASP A CG  1 
ATOM 346 O OD1 . ASP A 1 42 ? 1.581   -0.528  12.741  1.00 81.60  ? 44 ASP A OD1 1 
ATOM 347 O OD2 . ASP A 1 42 ? 0.220   -0.330  14.465  1.00 92.02  ? 44 ASP A OD2 1 
ATOM 348 N N   . ALA A 1 43 ? 2.405   -5.509  13.947  1.00 78.35  ? 45 ALA A N   1 
ATOM 349 C CA  . ALA A 1 43 ? 2.994   -6.566  14.765  1.00 67.33  ? 45 ALA A CA  1 
ATOM 350 C C   . ALA A 1 43 ? 4.230   -7.212  14.142  1.00 79.18  ? 45 ALA A C   1 
ATOM 351 O O   . ALA A 1 43 ? 4.916   -7.980  14.826  1.00 81.63  ? 45 ALA A O   1 
ATOM 352 C CB  . ALA A 1 43 ? 1.951   -7.646  15.077  1.00 63.33  ? 45 ALA A CB  1 
ATOM 353 N N   . GLU A 1 44 ? 4.540   -6.943  12.880  1.00 72.88  ? 46 GLU A N   1 
ATOM 354 C CA  . GLU A 1 44 ? 5.828   -7.393  12.380  1.00 83.48  ? 46 GLU A CA  1 
ATOM 355 C C   . GLU A 1 44 ? 6.935   -6.570  13.033  1.00 81.19  ? 46 GLU A C   1 
ATOM 356 O O   . GLU A 1 44 ? 6.710   -5.457  13.514  1.00 88.96  ? 46 GLU A O   1 
ATOM 357 C CB  . GLU A 1 44 ? 5.883   -7.285  10.856  1.00 82.62  ? 46 GLU A CB  1 
ATOM 358 C CG  . GLU A 1 44 ? 4.792   -8.072  10.153  1.00 72.81  ? 46 GLU A CG  1 
ATOM 359 C CD  . GLU A 1 44 ? 5.050   -9.568  10.165  1.00 75.08  ? 46 GLU A CD  1 
ATOM 360 O OE1 . GLU A 1 44 ? 6.148   -9.983  10.588  1.00 92.98  ? 46 GLU A OE1 1 
ATOM 361 O OE2 . GLU A 1 44 ? 4.157   -10.333 9.741   1.00 93.15  ? 46 GLU A OE2 1 
ATOM 362 N N   . ASP A 1 45 ? 8.144   -7.132  13.065  1.00 92.21  ? 47 ASP A N   1 
ATOM 363 C CA  . ASP A 1 45 ? 9.219   -6.482  13.815  1.00 92.25  ? 47 ASP A CA  1 
ATOM 364 C C   . ASP A 1 45 ? 9.865   -5.352  13.015  1.00 95.49  ? 47 ASP A C   1 
ATOM 365 O O   . ASP A 1 45 ? 9.821   -4.187  13.422  1.00 106.80 ? 47 ASP A O   1 
ATOM 366 C CB  . ASP A 1 45 ? 10.260  -7.516  14.266  1.00 85.64  ? 47 ASP A CB  1 
ATOM 367 C CG  . ASP A 1 45 ? 10.628  -8.501  13.174  1.00 98.74  ? 47 ASP A CG  1 
ATOM 368 O OD1 . ASP A 1 45 ? 10.326  -8.225  11.999  1.00 109.44 ? 47 ASP A OD1 1 
ATOM 369 O OD2 . ASP A 1 45 ? 11.215  -9.557  13.488  1.00 103.60 ? 47 ASP A OD2 1 
ATOM 370 N N   . SER A 1 46 ? 10.460  -5.668  11.869  1.00 91.79  ? 48 SER A N   1 
ATOM 371 C CA  . SER A 1 46 ? 11.155  -4.641  11.109  1.00 86.47  ? 48 SER A CA  1 
ATOM 372 C C   . SER A 1 46 ? 10.181  -3.795  10.286  1.00 88.15  ? 48 SER A C   1 
ATOM 373 O O   . SER A 1 46 ? 9.069   -4.216  9.953   1.00 87.42  ? 48 SER A O   1 
ATOM 374 C CB  . SER A 1 46 ? 12.195  -5.264  10.184  1.00 70.01  ? 48 SER A CB  1 
ATOM 375 O OG  . SER A 1 46 ? 11.585  -5.876  9.062   1.00 77.05  ? 48 SER A OG  1 
ATOM 376 N N   . GLU A 1 47 ? 10.639  -2.590  9.940   1.00 83.07  ? 49 GLU A N   1 
ATOM 377 C CA  . GLU A 1 47 ? 9.849   -1.667  9.129   1.00 83.13  ? 49 GLU A CA  1 
ATOM 378 C C   . GLU A 1 47 ? 9.516   -2.262  7.763   1.00 77.85  ? 49 GLU A C   1 
ATOM 379 O O   . GLU A 1 47 ? 8.374   -2.154  7.289   1.00 78.62  ? 49 GLU A O   1 
ATOM 380 C CB  . GLU A 1 47 ? 10.617  -0.350  8.988   1.00 76.76  ? 49 GLU A CB  1 
ATOM 381 C CG  . GLU A 1 47 ? 9.977   0.842   9.603   1.00 87.17  ? 49 GLU A CG  1 
ATOM 382 C CD  . GLU A 1 47 ? 8.595   1.114   9.040   1.00 105.59 ? 49 GLU A CD  1 
ATOM 383 O OE1 . GLU A 1 47 ? 7.813   1.834   9.701   1.00 98.45  ? 49 GLU A OE1 1 
ATOM 384 O OE2 . GLU A 1 47 ? 8.292   0.602   7.938   1.00 105.33 ? 49 GLU A OE2 1 
ATOM 385 N N   . ARG A 1 48 ? 10.502  -2.890  7.114   1.00 74.16  ? 50 ARG A N   1 
ATOM 386 C CA  . ARG A 1 48 ? 10.264  -3.520  5.818   1.00 77.14  ? 50 ARG A CA  1 
ATOM 387 C C   . ARG A 1 48 ? 9.274   -4.683  5.917   1.00 75.64  ? 50 ARG A C   1 
ATOM 388 O O   . ARG A 1 48 ? 8.498   -4.907  4.984   1.00 74.55  ? 50 ARG A O   1 
ATOM 389 C CB  . ARG A 1 48 ? 11.589  -3.988  5.206   1.00 64.53  ? 50 ARG A CB  1 
ATOM 390 C CG  . ARG A 1 48 ? 11.452  -4.669  3.865   1.00 70.61  ? 50 ARG A CG  1 
ATOM 391 C CD  . ARG A 1 48 ? 12.368  -5.891  3.727   1.00 79.08  ? 50 ARG A CD  1 
ATOM 392 N NE  . ARG A 1 48 ? 12.109  -6.632  2.492   1.00 79.21  ? 50 ARG A NE  1 
ATOM 393 C CZ  . ARG A 1 48 ? 12.576  -6.279  1.300   1.00 81.47  ? 50 ARG A CZ  1 
ATOM 394 N NH1 . ARG A 1 48 ? 13.370  -5.230  1.151   1.00 72.50  ? 50 ARG A NH1 1 
ATOM 395 N NH2 . ARG A 1 48 ? 12.217  -6.982  0.226   1.00 75.95  ? 50 ARG A NH2 1 
ATOM 396 N N   . LYS A 1 49 ? 9.264   -5.428  7.029   1.00 83.80  ? 51 LYS A N   1 
ATOM 397 C CA  . LYS A 1 49 ? 8.297   -6.519  7.129   1.00 77.79  ? 51 LYS A CA  1 
ATOM 398 C C   . LYS A 1 49 ? 6.882   -5.991  7.294   1.00 69.11  ? 51 LYS A C   1 
ATOM 399 O O   . LYS A 1 49 ? 5.943   -6.582  6.754   1.00 66.62  ? 51 LYS A O   1 
ATOM 400 C CB  . LYS A 1 49 ? 8.629   -7.464  8.282   1.00 77.48  ? 51 LYS A CB  1 
ATOM 401 C CG  . LYS A 1 49 ? 9.740   -8.457  7.994   1.00 85.33  ? 51 LYS A CG  1 
ATOM 402 C CD  . LYS A 1 49 ? 10.928  -7.757  7.340   1.00 101.58 ? 51 LYS A CD  1 
ATOM 403 C CE  . LYS A 1 49 ? 11.597  -8.625  6.276   1.00 104.09 ? 51 LYS A CE  1 
ATOM 404 N NZ  . LYS A 1 49 ? 12.808  -7.975  5.674   1.00 98.99  ? 51 LYS A NZ  1 
ATOM 405 N N   . ARG A 1 50 ? 6.710   -4.887  8.031   1.00 67.86  ? 52 ARG A N   1 
ATOM 406 C CA  . ARG A 1 50 ? 5.395   -4.262  8.133   1.00 74.89  ? 52 ARG A CA  1 
ATOM 407 C C   . ARG A 1 50 ? 4.937   -3.750  6.778   1.00 73.61  ? 52 ARG A C   1 
ATOM 408 O O   . ARG A 1 50 ? 3.757   -3.868  6.428   1.00 67.29  ? 52 ARG A O   1 
ATOM 409 C CB  . ARG A 1 50 ? 5.409   -3.111  9.144   1.00 77.41  ? 52 ARG A CB  1 
ATOM 410 C CG  . ARG A 1 50 ? 5.935   -3.446  10.544  1.00 84.57  ? 52 ARG A CG  1 
ATOM 411 C CD  . ARG A 1 50 ? 5.873   -2.215  11.459  1.00 71.19  ? 52 ARG A CD  1 
ATOM 412 N NE  . ARG A 1 50 ? 6.576   -2.442  12.715  1.00 86.70  ? 52 ARG A NE  1 
ATOM 413 C CZ  . ARG A 1 50 ? 7.827   -2.069  12.954  1.00 91.86  ? 52 ARG A CZ  1 
ATOM 414 N NH1 . ARG A 1 50 ? 8.540   -1.414  12.052  1.00 96.25  ? 52 ARG A NH1 1 
ATOM 415 N NH2 . ARG A 1 50 ? 8.379   -2.364  14.128  1.00 102.24 ? 52 ARG A NH2 1 
ATOM 416 N N   . ALA A 1 51 ? 5.855   -3.173  5.999   1.00 72.77  ? 53 ALA A N   1 
ATOM 417 C CA  . ALA A 1 51 ? 5.484   -2.763  4.652   1.00 67.11  ? 53 ALA A CA  1 
ATOM 418 C C   . ALA A 1 51 ? 5.054   -3.977  3.842   1.00 69.15  ? 53 ALA A C   1 
ATOM 419 O O   . ALA A 1 51 ? 4.024   -3.940  3.153   1.00 56.98  ? 53 ALA A O   1 
ATOM 420 C CB  . ALA A 1 51 ? 6.639   -2.014  3.982   1.00 66.47  ? 53 ALA A CB  1 
ATOM 421 N N   . GLU A 1 52 ? 5.800   -5.085  3.975   1.00 69.69  ? 54 GLU A N   1 
ATOM 422 C CA  . GLU A 1 52 ? 5.476   -6.321  3.258   1.00 65.77  ? 54 GLU A CA  1 
ATOM 423 C C   . GLU A 1 52 ? 4.070   -6.788  3.581   1.00 65.27  ? 54 GLU A C   1 
ATOM 424 O O   . GLU A 1 52 ? 3.280   -7.099  2.681   1.00 57.65  ? 54 GLU A O   1 
ATOM 425 C CB  . GLU A 1 52 ? 6.485   -7.418  3.606   1.00 69.14  ? 54 GLU A CB  1 
ATOM 426 C CG  . GLU A 1 52 ? 7.811   -7.316  2.858   1.00 57.15  ? 54 GLU A CG  1 
ATOM 427 C CD  . GLU A 1 52 ? 7.743   -7.922  1.461   1.00 87.20  ? 54 GLU A CD  1 
ATOM 428 O OE1 . GLU A 1 52 ? 6.622   -8.137  0.936   1.00 86.24  ? 54 GLU A OE1 1 
ATOM 429 O OE2 . GLU A 1 52 ? 8.821   -8.198  0.885   1.00 99.64  ? 54 GLU A OE2 1 
ATOM 430 N N   . LYS A 1 53 ? 3.732   -6.824  4.868   1.00 58.91  ? 55 LYS A N   1 
ATOM 431 C CA  . LYS A 1 53 ? 2.421   -7.294  5.269   1.00 53.39  ? 55 LYS A CA  1 
ATOM 432 C C   . LYS A 1 53 ? 1.305   -6.393  4.737   1.00 65.69  ? 55 LYS A C   1 
ATOM 433 O O   . LYS A 1 53 ? 0.221   -6.893  4.408   1.00 56.75  ? 55 LYS A O   1 
ATOM 434 C CB  . LYS A 1 53 ? 2.365   -7.394  6.791   1.00 57.73  ? 55 LYS A CB  1 
ATOM 435 C CG  . LYS A 1 53 ? 1.000   -7.831  7.312   1.00 64.98  ? 55 LYS A CG  1 
ATOM 436 C CD  . LYS A 1 53 ? 0.576   -9.161  6.708   1.00 68.38  ? 55 LYS A CD  1 
ATOM 437 C CE  . LYS A 1 53 ? 1.474   -10.288 7.207   1.00 86.82  ? 55 LYS A CE  1 
ATOM 438 N NZ  . LYS A 1 53 ? 0.902   -11.652 6.951   1.00 77.62  ? 55 LYS A NZ  1 
ATOM 439 N N   . LEU A 1 54 ? 1.556   -5.074  4.625   1.00 58.72  ? 56 LEU A N   1 
ATOM 440 C CA  . LEU A 1 54 ? 0.542   -4.152  4.109   1.00 53.22  ? 56 LEU A CA  1 
ATOM 441 C C   . LEU A 1 54 ? 0.247   -4.401  2.623   1.00 55.68  ? 56 LEU A C   1 
ATOM 442 O O   . LEU A 1 54 ? -0.919  -4.421  2.198   1.00 60.12  ? 56 LEU A O   1 
ATOM 443 C CB  . LEU A 1 54 ? 0.991   -2.708  4.337   1.00 53.79  ? 56 LEU A CB  1 
ATOM 444 C CG  . LEU A 1 54 ? -0.069  -1.696  3.894   1.00 64.86  ? 56 LEU A CG  1 
ATOM 445 C CD1 . LEU A 1 54 ? -1.380  -2.023  4.628   1.00 53.01  ? 56 LEU A CD1 1 
ATOM 446 C CD2 . LEU A 1 54 ? 0.369   -0.262  4.158   1.00 52.21  ? 56 LEU A CD2 1 
ATOM 447 N N   . VAL A 1 55 ? 1.289   -4.591  1.816   1.00 48.33  ? 57 VAL A N   1 
ATOM 448 C CA  . VAL A 1 55 ? 1.077   -4.866  0.397   1.00 54.58  ? 57 VAL A CA  1 
ATOM 449 C C   . VAL A 1 55 ? 0.319   -6.175  0.223   1.00 61.69  ? 57 VAL A C   1 
ATOM 450 O O   . VAL A 1 55 ? -0.571  -6.285  -0.630  1.00 56.12  ? 57 VAL A O   1 
ATOM 451 C CB  . VAL A 1 55 ? 2.430   -4.897  -0.335  1.00 55.12  ? 57 VAL A CB  1 
ATOM 452 C CG1 . VAL A 1 55 ? 2.289   -5.504  -1.717  1.00 58.31  ? 57 VAL A CG1 1 
ATOM 453 C CG2 . VAL A 1 55 ? 2.981   -3.526  -0.415  1.00 47.18  ? 57 VAL A CG2 1 
ATOM 454 N N   . GLU A 1 56 ? 0.657   -7.188  1.029   1.00 53.94  ? 58 GLU A N   1 
ATOM 455 C CA  . GLU A 1 56 ? -0.026  -8.473  0.930   1.00 59.06  ? 58 GLU A CA  1 
ATOM 456 C C   . GLU A 1 56 ? -1.523  -8.284  1.080   1.00 56.77  ? 58 GLU A C   1 
ATOM 457 O O   . GLU A 1 56 ? -2.309  -8.747  0.246   1.00 71.66  ? 58 GLU A O   1 
ATOM 458 C CB  . GLU A 1 56 ? 0.523   -9.444  1.979   1.00 64.13  ? 58 GLU A CB  1 
ATOM 459 C CG  . GLU A 1 56 ? -0.297  -10.699 2.223   1.00 70.33  ? 58 GLU A CG  1 
ATOM 460 C CD  . GLU A 1 56 ? 0.089   -11.424 3.527   1.00 97.42  ? 58 GLU A CD  1 
ATOM 461 O OE1 . GLU A 1 56 ? 1.269   -11.325 3.949   1.00 92.23  ? 58 GLU A OE1 1 
ATOM 462 O OE2 . GLU A 1 56 ? -0.794  -12.087 4.134   1.00 87.41  ? 58 GLU A OE2 1 
ATOM 463 N N   . ILE A 1 57 ? -1.932  -7.546  2.106   1.00 52.36  ? 59 ILE A N   1 
ATOM 464 C CA  . ILE A 1 57 ? -3.347  -7.249  2.300   1.00 63.26  ? 59 ILE A CA  1 
ATOM 465 C C   . ILE A 1 57 ? -3.934  -6.553  1.073   1.00 64.41  ? 59 ILE A C   1 
ATOM 466 O O   . ILE A 1 57 ? -4.949  -6.989  0.521   1.00 59.55  ? 59 ILE A O   1 
ATOM 467 C CB  . ILE A 1 57 ? -3.536  -6.421  3.577   1.00 66.93  ? 59 ILE A CB  1 
ATOM 468 C CG1 . ILE A 1 57 ? -3.123  -7.298  4.771   1.00 52.88  ? 59 ILE A CG1 1 
ATOM 469 C CG2 . ILE A 1 57 ? -4.991  -5.943  3.685   1.00 60.44  ? 59 ILE A CG2 1 
ATOM 470 C CD1 . ILE A 1 57 ? -3.466  -6.743  6.101   1.00 52.09  ? 59 ILE A CD1 1 
ATOM 471 N N   . VAL A 1 58 ? -3.288  -5.484  0.607   1.00 64.32  ? 60 VAL A N   1 
ATOM 472 C CA  . VAL A 1 58 ? -3.786  -4.784  -0.579  1.00 57.02  ? 60 VAL A CA  1 
ATOM 473 C C   . VAL A 1 58 ? -3.932  -5.743  -1.758  1.00 62.12  ? 60 VAL A C   1 
ATOM 474 O O   . VAL A 1 58 ? -4.933  -5.696  -2.479  1.00 62.12  ? 60 VAL A O   1 
ATOM 475 C CB  . VAL A 1 58 ? -2.867  -3.597  -0.922  1.00 67.71  ? 60 VAL A CB  1 
ATOM 476 C CG1 . VAL A 1 58 ? -3.264  -2.985  -2.226  1.00 57.92  ? 60 VAL A CG1 1 
ATOM 477 C CG2 . VAL A 1 58 ? -2.894  -2.551  0.200   1.00 59.85  ? 60 VAL A CG2 1 
ATOM 478 N N   . MET A 1 59 ? -2.945  -6.639  -1.964  1.00 68.92  ? 61 MET A N   1 
ATOM 479 C CA  . MET A 1 59 ? -3.008  -7.606  -3.067  1.00 48.18  ? 61 MET A CA  1 
ATOM 480 C C   . MET A 1 59 ? -4.188  -8.566  -2.922  1.00 60.78  ? 61 MET A C   1 
ATOM 481 O O   . MET A 1 59 ? -4.692  -9.087  -3.923  1.00 58.85  ? 61 MET A O   1 
ATOM 482 C CB  . MET A 1 59 ? -1.709  -8.419  -3.166  1.00 49.04  ? 61 MET A CB  1 
ATOM 483 C CG  . MET A 1 59 ? -0.448  -7.669  -3.657  1.00 50.80  ? 61 MET A CG  1 
ATOM 484 S SD  . MET A 1 59 ? -0.674  -6.807  -5.228  1.00 74.47  ? 61 MET A SD  1 
ATOM 485 C CE  . MET A 1 59 ? -0.119  -8.008  -6.437  1.00 76.17  ? 61 MET A CE  1 
ATOM 486 N N   . LYS A 1 60 ? -4.642  -8.811  -1.691  1.00 51.28  ? 62 LYS A N   1 
ATOM 487 C CA  . LYS A 1 60 ? -5.767  -9.705  -1.428  1.00 58.80  ? 62 LYS A CA  1 
ATOM 488 C C   . LYS A 1 60 ? -7.116  -9.083  -1.777  1.00 55.85  ? 62 LYS A C   1 
ATOM 489 O O   . LYS A 1 60 ? -8.058  -9.802  -2.145  1.00 55.01  ? 62 LYS A O   1 
ATOM 490 C CB  . LYS A 1 60 ? -5.798  -10.069 0.054   1.00 63.91  ? 62 LYS A CB  1 
ATOM 491 C CG  . LYS A 1 60 ? -4.581  -10.710 0.589   1.00 60.59  ? 62 LYS A CG  1 
ATOM 492 C CD  . LYS A 1 60 ? -4.922  -11.404 1.893   1.00 78.97  ? 62 LYS A CD  1 
ATOM 493 C CE  . LYS A 1 60 ? -4.121  -12.707 2.085   1.00 75.75  ? 62 LYS A CE  1 
ATOM 494 N NZ  . LYS A 1 60 ? -4.844  -13.958 1.688   1.00 99.66  ? 62 LYS A NZ  1 
ATOM 495 N N   . MET A 1 61 ? -7.238  -7.768  -1.626  1.00 61.38  ? 63 MET A N   1 
ATOM 496 C CA  . MET A 1 61 ? -8.518  -7.082  -1.644  1.00 71.25  ? 63 MET A CA  1 
ATOM 497 C C   . MET A 1 61 ? -8.932  -6.734  -3.072  1.00 69.20  ? 63 MET A C   1 
ATOM 498 O O   . MET A 1 61 ? -8.243  -7.047  -4.039  1.00 62.39  ? 63 MET A O   1 
ATOM 499 C CB  . MET A 1 61 ? -8.436  -5.832  -0.778  1.00 55.84  ? 63 MET A CB  1 
ATOM 500 C CG  . MET A 1 61 ? -8.257  -6.124  0.687   1.00 60.98  ? 63 MET A CG  1 
ATOM 501 S SD  . MET A 1 61 ? -9.673  -7.042  1.385   1.00 63.37  ? 63 MET A SD  1 
ATOM 502 C CE  . MET A 1 61 ? -10.788 -6.815  -0.010  1.00 94.02  ? 63 MET A CE  1 
ATOM 503 N N   . ASP A 1 62 ? -10.074 -6.070  -3.212  1.00 74.25  ? 64 ASP A N   1 
ATOM 504 C CA  . ASP A 1 62 ? -10.501 -5.610  -4.527  1.00 78.92  ? 64 ASP A CA  1 
ATOM 505 C C   . ASP A 1 62 ? -9.593  -4.470  -5.005  1.00 77.48  ? 64 ASP A C   1 
ATOM 506 O O   . ASP A 1 62 ? -8.613  -4.094  -4.353  1.00 83.75  ? 64 ASP A O   1 
ATOM 507 C CB  . ASP A 1 62 ? -11.977 -5.192  -4.495  1.00 62.86  ? 64 ASP A CB  1 
ATOM 508 C CG  . ASP A 1 62 ? -12.288 -4.184  -3.394  1.00 88.87  ? 64 ASP A CG  1 
ATOM 509 O OD1 . ASP A 1 62 ? -13.447 -3.721  -3.270  1.00 102.97 ? 64 ASP A OD1 1 
ATOM 510 O OD2 . ASP A 1 62 ? -11.351 -3.841  -2.640  1.00 92.73  ? 64 ASP A OD2 1 
ATOM 511 N N   . ASP A 1 63 ? -9.927  -3.896  -6.153  1.00 61.19  ? 65 ASP A N   1 
ATOM 512 C CA  . ASP A 1 63 ? -9.101  -2.816  -6.662  1.00 71.14  ? 65 ASP A CA  1 
ATOM 513 C C   . ASP A 1 63 ? -9.453  -1.473  -6.033  1.00 69.34  ? 65 ASP A C   1 
ATOM 514 O O   . ASP A 1 63 ? -8.719  -0.506  -6.240  1.00 71.07  ? 65 ASP A O   1 
ATOM 515 C CB  . ASP A 1 63 ? -9.203  -2.728  -8.188  1.00 78.22  ? 65 ASP A CB  1 
ATOM 516 C CG  . ASP A 1 63 ? -8.440  -3.851  -8.907  1.00 87.07  ? 65 ASP A CG  1 
ATOM 517 O OD1 . ASP A 1 63 ? -7.197  -3.802  -8.991  1.00 79.86  ? 65 ASP A OD1 1 
ATOM 518 O OD2 . ASP A 1 63 ? -9.098  -4.788  -9.407  1.00 108.15 ? 65 ASP A OD2 1 
ATOM 519 N N   . ALA A 1 64 ? -10.543 -1.379  -5.267  1.00 59.27  ? 66 ALA A N   1 
ATOM 520 C CA  . ALA A 1 64 ? -10.701 -0.206  -4.411  1.00 61.06  ? 66 ALA A CA  1 
ATOM 521 C C   . ALA A 1 64 ? -9.534  -0.079  -3.436  1.00 59.18  ? 66 ALA A C   1 
ATOM 522 O O   . ALA A 1 64 ? -9.085  1.037   -3.146  1.00 63.67  ? 66 ALA A O   1 
ATOM 523 C CB  . ALA A 1 64 ? -12.021 -0.257  -3.647  1.00 57.64  ? 66 ALA A CB  1 
ATOM 524 N N   . ALA A 1 65 ? -9.031  -1.206  -2.917  1.00 54.89  ? 67 ALA A N   1 
ATOM 525 C CA  . ALA A 1 65 ? -7.909  -1.159  -1.982  1.00 58.81  ? 67 ALA A CA  1 
ATOM 526 C C   . ALA A 1 65 ? -6.649  -0.621  -2.654  1.00 55.20  ? 67 ALA A C   1 
ATOM 527 O O   . ALA A 1 65 ? -6.029  0.325   -2.153  1.00 56.34  ? 67 ALA A O   1 
ATOM 528 C CB  . ALA A 1 65 ? -7.652  -2.543  -1.386  1.00 58.17  ? 67 ALA A CB  1 
ATOM 529 N N   . VAL A 1 66 ? -6.261  -1.210  -3.793  1.00 51.46  ? 68 VAL A N   1 
ATOM 530 C CA  . VAL A 1 66 ? -5.157  -0.686  -4.592  1.00 56.21  ? 68 VAL A CA  1 
ATOM 531 C C   . VAL A 1 66 ? -5.324  0.807   -4.861  1.00 64.25  ? 68 VAL A C   1 
ATOM 532 O O   . VAL A 1 66 ? -4.364  1.583   -4.748  1.00 61.20  ? 68 VAL A O   1 
ATOM 533 C CB  . VAL A 1 66 ? -5.045  -1.471  -5.906  1.00 56.92  ? 68 VAL A CB  1 
ATOM 534 C CG1 . VAL A 1 66 ? -3.668  -1.265  -6.505  1.00 56.31  ? 68 VAL A CG1 1 
ATOM 535 C CG2 . VAL A 1 66 ? -5.320  -2.935  -5.636  1.00 86.95  ? 68 VAL A CG2 1 
ATOM 536 N N   . LYS A 1 67 ? -6.533  1.231   -5.241  1.00 62.26  ? 69 LYS A N   1 
ATOM 537 C CA  . LYS A 1 67 ? -6.776  2.640   -5.529  1.00 63.15  ? 69 LYS A CA  1 
ATOM 538 C C   . LYS A 1 67 ? -6.486  3.512   -4.318  1.00 64.90  ? 69 LYS A C   1 
ATOM 539 O O   . LYS A 1 67 ? -5.843  4.567   -4.432  1.00 58.84  ? 69 LYS A O   1 
ATOM 540 C CB  . LYS A 1 67 ? -8.220  2.841   -5.984  1.00 72.10  ? 69 LYS A CB  1 
ATOM 541 C CG  . LYS A 1 67 ? -8.437  4.105   -6.825  1.00 60.01  ? 69 LYS A CG  1 
ATOM 542 C CD  . LYS A 1 67 ? -9.304  5.114   -6.136  1.00 66.66  ? 69 LYS A CD  1 
ATOM 543 C CE  . LYS A 1 67 ? -9.796  6.188   -7.123  1.00 75.34  ? 69 LYS A CE  1 
ATOM 544 N NZ  . LYS A 1 67 ? -8.705  6.733   -7.997  1.00 76.91  ? 69 LYS A NZ  1 
ATOM 545 N N   . ALA A 1 68 ? -6.932  3.081   -3.147  1.00 51.55  ? 70 ALA A N   1 
ATOM 546 C CA  . ALA A 1 68 ? -6.704  3.882   -1.954  1.00 52.36  ? 70 ALA A CA  1 
ATOM 547 C C   . ALA A 1 68 ? -5.236  3.843   -1.546  1.00 67.56  ? 70 ALA A C   1 
ATOM 548 O O   . ALA A 1 68 ? -4.759  4.755   -0.857  1.00 66.27  ? 70 ALA A O   1 
ATOM 549 C CB  . ALA A 1 68 ? -7.612  3.391   -0.822  1.00 48.99  ? 70 ALA A CB  1 
ATOM 550 N N   . PHE A 1 69 ? -4.506  2.800   -1.961  1.00 55.97  ? 71 PHE A N   1 
ATOM 551 C CA  . PHE A 1 69 ? -3.069  2.724   -1.688  1.00 54.69  ? 71 PHE A CA  1 
ATOM 552 C C   . PHE A 1 69 ? -2.311  3.678   -2.602  1.00 47.97  ? 71 PHE A C   1 
ATOM 553 O O   . PHE A 1 69 ? -1.436  4.425   -2.146  1.00 55.46  ? 71 PHE A O   1 
ATOM 554 C CB  . PHE A 1 69 ? -2.603  1.263   -1.847  1.00 46.42  ? 71 PHE A CB  1 
ATOM 555 C CG  . PHE A 1 69 ? -1.111  1.016   -1.619  1.00 59.88  ? 71 PHE A CG  1 
ATOM 556 C CD1 . PHE A 1 69 ? -0.602  0.839   -0.338  1.00 47.62  ? 71 PHE A CD1 1 
ATOM 557 C CD2 . PHE A 1 69 ? -0.243  0.873   -2.697  1.00 46.19  ? 71 PHE A CD2 1 
ATOM 558 C CE1 . PHE A 1 69 ? 0.737   0.583   -0.132  1.00 53.38  ? 71 PHE A CE1 1 
ATOM 559 C CE2 . PHE A 1 69 ? 1.113   0.591   -2.501  1.00 56.17  ? 71 PHE A CE2 1 
ATOM 560 C CZ  . PHE A 1 69 ? 1.603   0.452   -1.216  1.00 61.65  ? 71 PHE A CZ  1 
ATOM 561 N N   . TYR A 1 70 ? -2.675  3.692   -3.885  1.00 60.22  ? 72 TYR A N   1 
ATOM 562 C CA  . TYR A 1 70 ? -2.182  4.710   -4.814  1.00 63.90  ? 72 TYR A CA  1 
ATOM 563 C C   . TYR A 1 70 ? -2.416  6.118   -4.271  1.00 52.47  ? 72 TYR A C   1 
ATOM 564 O O   . TYR A 1 70 ? -1.495  6.944   -4.253  1.00 54.05  ? 72 TYR A O   1 
ATOM 565 C CB  . TYR A 1 70 ? -2.860  4.523   -6.177  1.00 56.92  ? 72 TYR A CB  1 
ATOM 566 C CG  . TYR A 1 70 ? -2.522  5.562   -7.208  1.00 67.05  ? 72 TYR A CG  1 
ATOM 567 C CD1 . TYR A 1 70 ? -1.234  5.655   -7.750  1.00 68.71  ? 72 TYR A CD1 1 
ATOM 568 C CD2 . TYR A 1 70 ? -3.495  6.440   -7.668  1.00 67.25  ? 72 TYR A CD2 1 
ATOM 569 C CE1 . TYR A 1 70 ? -0.929  6.611   -8.700  1.00 68.72  ? 72 TYR A CE1 1 
ATOM 570 C CE2 . TYR A 1 70 ? -3.205  7.396   -8.626  1.00 59.94  ? 72 TYR A CE2 1 
ATOM 571 C CZ  . TYR A 1 70 ? -1.932  7.472   -9.139  1.00 66.12  ? 72 TYR A CZ  1 
ATOM 572 O OH  . TYR A 1 70 ? -1.670  8.419   -10.082 1.00 65.87  ? 72 TYR A OH  1 
ATOM 573 N N   . ASP A 1 71 ? -3.652  6.407   -3.825  1.00 67.00  ? 73 ASP A N   1 
ATOM 574 C CA  . ASP A 1 71 ? -3.982  7.730   -3.292  1.00 52.33  ? 73 ASP A CA  1 
ATOM 575 C C   . ASP A 1 71 ? -3.189  8.033   -2.031  1.00 53.05  ? 73 ASP A C   1 
ATOM 576 O O   . ASP A 1 71 ? -2.741  9.170   -1.832  1.00 63.90  ? 73 ASP A O   1 
ATOM 577 C CB  . ASP A 1 71 ? -5.483  7.832   -3.008  1.00 52.37  ? 73 ASP A CB  1 
ATOM 578 C CG  . ASP A 1 71 ? -6.302  8.110   -4.263  1.00 57.27  ? 73 ASP A CG  1 
ATOM 579 O OD1 . ASP A 1 71 ? -5.835  8.885   -5.118  1.00 77.21  ? 73 ASP A OD1 1 
ATOM 580 O OD2 . ASP A 1 71 ? -7.413  7.552   -4.408  1.00 65.71  ? 73 ASP A OD2 1 
ATOM 581 N N   . ALA A 1 72 ? -2.998  7.030   -1.165  1.00 53.90  ? 74 ALA A N   1 
ATOM 582 C CA  . ALA A 1 72 ? -2.170  7.220   0.027   1.00 50.24  ? 74 ALA A CA  1 
ATOM 583 C C   . ALA A 1 72 ? -0.776  7.681   -0.351  1.00 57.84  ? 74 ALA A C   1 
ATOM 584 O O   . ALA A 1 72 ? -0.230  8.597   0.273   1.00 66.77  ? 74 ALA A O   1 
ATOM 585 C CB  . ALA A 1 72 ? -2.057  5.920   0.825   1.00 49.81  ? 74 ALA A CB  1 
ATOM 586 N N   . LEU A 1 73 ? -0.178  7.034   -1.366  1.00 51.50  ? 75 LEU A N   1 
ATOM 587 C CA  . LEU A 1 73 ? 1.187   7.378   -1.758  1.00 57.07  ? 75 LEU A CA  1 
ATOM 588 C C   . LEU A 1 73 ? 1.269   8.813   -2.255  1.00 50.91  ? 75 LEU A C   1 
ATOM 589 O O   . LEU A 1 73 ? 2.184   9.547   -1.876  1.00 61.54  ? 75 LEU A O   1 
ATOM 590 C CB  . LEU A 1 73 ? 1.716   6.411   -2.830  1.00 56.46  ? 75 LEU A CB  1 
ATOM 591 C CG  . LEU A 1 73 ? 1.773   4.902   -2.586  1.00 53.00  ? 75 LEU A CG  1 
ATOM 592 C CD1 . LEU A 1 73 ? 2.133   4.169   -3.893  1.00 50.27  ? 75 LEU A CD1 1 
ATOM 593 C CD2 . LEU A 1 73 ? 2.772   4.557   -1.492  1.00 49.38  ? 75 LEU A CD2 1 
ATOM 594 N N   . LYS A 1 74 ? 0.317   9.225   -3.102  1.00 56.75  ? 76 LYS A N   1 
ATOM 595 C CA  . LYS A 1 74 ? 0.280   10.600  -3.592  1.00 51.18  ? 76 LYS A CA  1 
ATOM 596 C C   . LYS A 1 74 ? 0.104   11.586  -2.457  1.00 64.60  ? 76 LYS A C   1 
ATOM 597 O O   . LYS A 1 74 ? 0.702   12.669  -2.468  1.00 67.10  ? 76 LYS A O   1 
ATOM 598 C CB  . LYS A 1 74 ? -0.859  10.785  -4.599  1.00 56.70  ? 76 LYS A CB  1 
ATOM 599 C CG  . LYS A 1 74 ? -0.787  9.881   -5.807  1.00 60.44  ? 76 LYS A CG  1 
ATOM 600 C CD  . LYS A 1 74 ? -1.030  10.674  -7.077  1.00 76.24  ? 76 LYS A CD  1 
ATOM 601 C CE  . LYS A 1 74 ? 0.101   11.667  -7.321  1.00 81.98  ? 76 LYS A CE  1 
ATOM 602 N NZ  . LYS A 1 74 ? 0.140   12.110  -8.753  1.00 98.28  ? 76 LYS A NZ  1 
ATOM 603 N N   . ALA A 1 75 ? -0.726  11.249  -1.470  1.00 65.98  ? 77 ALA A N   1 
ATOM 604 C CA  . ALA A 1 75 ? -1.042  12.257  -0.466  1.00 68.44  ? 77 ALA A CA  1 
ATOM 605 C C   . ALA A 1 75 ? 0.007   12.328  0.630   1.00 74.43  ? 77 ALA A C   1 
ATOM 606 O O   . ALA A 1 75 ? 0.102   13.353  1.310   1.00 72.92  ? 77 ALA A O   1 
ATOM 607 C CB  . ALA A 1 75 ? -2.421  12.007  0.137   1.00 56.89  ? 77 ALA A CB  1 
ATOM 608 N N   . LYS A 1 76 ? 0.822   11.292  0.797   1.00 50.28  ? 78 LYS A N   1 
ATOM 609 C CA  . LYS A 1 76 ? 1.877   11.337  1.797   1.00 47.96  ? 78 LYS A CA  1 
ATOM 610 C C   . LYS A 1 76 ? 3.247   11.617  1.186   1.00 67.61  ? 78 LYS A C   1 
ATOM 611 O O   . LYS A 1 76 ? 4.275   11.406  1.848   1.00 60.48  ? 78 LYS A O   1 
ATOM 612 C CB  . LYS A 1 76 ? 1.879   10.041  2.607   1.00 66.27  ? 78 LYS A CB  1 
ATOM 613 C CG  . LYS A 1 76 ? 0.560   9.829   3.366   1.00 71.64  ? 78 LYS A CG  1 
ATOM 614 C CD  . LYS A 1 76 ? 0.229   11.040  4.277   1.00 77.53  ? 78 LYS A CD  1 
ATOM 615 C CE  . LYS A 1 76 ? -1.169  10.920  4.900   1.00 53.50  ? 78 LYS A CE  1 
ATOM 616 N NZ  . LYS A 1 76 ? -1.447  12.020  5.857   1.00 88.80  ? 78 LYS A NZ  1 
ATOM 617 N N   . GLY A 1 77 ? 3.280   12.109  -0.056  1.00 61.32  ? 79 GLY A N   1 
ATOM 618 C CA  . GLY A 1 77 ? 4.545   12.450  -0.675  1.00 54.60  ? 79 GLY A CA  1 
ATOM 619 C C   . GLY A 1 77 ? 5.396   11.287  -1.144  1.00 66.73  ? 79 GLY A C   1 
ATOM 620 O O   . GLY A 1 77 ? 6.624   11.362  -1.070  1.00 69.41  ? 79 GLY A O   1 
ATOM 621 N N   . TYR A 1 78 ? 4.786   10.204  -1.613  1.00 60.57  ? 80 TYR A N   1 
ATOM 622 C CA  . TYR A 1 78 ? 5.538   9.163   -2.311  1.00 60.14  ? 80 TYR A CA  1 
ATOM 623 C C   . TYR A 1 78 ? 5.293   9.284   -3.806  1.00 50.96  ? 80 TYR A C   1 
ATOM 624 O O   . TYR A 1 78 ? 4.762   8.381   -4.447  1.00 58.24  ? 80 TYR A O   1 
ATOM 625 C CB  . TYR A 1 78 ? 5.154   7.775   -1.811  1.00 53.29  ? 80 TYR A CB  1 
ATOM 626 C CG  . TYR A 1 78 ? 5.403   7.525   -0.349  1.00 63.62  ? 80 TYR A CG  1 
ATOM 627 C CD1 . TYR A 1 78 ? 4.454   7.872   0.599   1.00 66.24  ? 80 TYR A CD1 1 
ATOM 628 C CD2 . TYR A 1 78 ? 6.564   6.911   0.084   1.00 64.07  ? 80 TYR A CD2 1 
ATOM 629 C CE1 . TYR A 1 78 ? 4.659   7.637   1.940   1.00 67.46  ? 80 TYR A CE1 1 
ATOM 630 C CE2 . TYR A 1 78 ? 6.780   6.663   1.440   1.00 60.14  ? 80 TYR A CE2 1 
ATOM 631 C CZ  . TYR A 1 78 ? 5.818   7.034   2.361   1.00 72.60  ? 80 TYR A CZ  1 
ATOM 632 O OH  . TYR A 1 78 ? 6.000   6.812   3.721   1.00 82.17  ? 80 TYR A OH  1 
ATOM 633 N N   . SER A 1 79 ? 5.695   10.427  -4.356  1.00 57.42  ? 81 SER A N   1 
ATOM 634 C CA  . SER A 1 79 ? 5.239   10.769  -5.699  1.00 60.89  ? 81 SER A CA  1 
ATOM 635 C C   . SER A 1 79 ? 5.752   9.766   -6.710  1.00 60.54  ? 81 SER A C   1 
ATOM 636 O O   . SER A 1 79 ? 4.994   9.283   -7.559  1.00 73.79  ? 81 SER A O   1 
ATOM 637 C CB  . SER A 1 79 ? 5.664   12.195  -6.071  1.00 59.26  ? 81 SER A CB  1 
ATOM 638 O OG  . SER A 1 79 ? 7.070   12.317  -6.106  1.00 80.03  ? 81 SER A OG  1 
ATOM 639 N N   . ASP A 1 80 ? 7.027   9.406   -6.622  1.00 58.19  ? 82 ASP A N   1 
ATOM 640 C CA  . ASP A 1 80 ? 7.528   8.499   -7.634  1.00 55.18  ? 82 ASP A CA  1 
ATOM 641 C C   . ASP A 1 80 ? 7.245   7.036   -7.316  1.00 63.59  ? 82 ASP A C   1 
ATOM 642 O O   . ASP A 1 80 ? 7.180   6.227   -8.254  1.00 67.53  ? 82 ASP A O   1 
ATOM 643 C CB  . ASP A 1 80 ? 9.021   8.745   -7.909  1.00 70.23  ? 82 ASP A CB  1 
ATOM 644 C CG  . ASP A 1 80 ? 9.790   9.120   -6.696  1.00 85.65  ? 82 ASP A CG  1 
ATOM 645 O OD1 . ASP A 1 80 ? 9.172   9.179   -5.608  1.00 100.96 ? 82 ASP A OD1 1 
ATOM 646 O OD2 . ASP A 1 80 ? 11.017  9.355   -6.845  1.00 67.17  ? 82 ASP A OD2 1 
ATOM 647 N N   . LEU A 1 81 ? 7.016   6.669   -6.047  1.00 57.46  ? 83 LEU A N   1 
ATOM 648 C CA  . LEU A 1 81 ? 6.444   5.347   -5.800  1.00 57.01  ? 83 LEU A CA  1 
ATOM 649 C C   . LEU A 1 81 ? 5.094   5.230   -6.482  1.00 62.56  ? 83 LEU A C   1 
ATOM 650 O O   . LEU A 1 81 ? 4.818   4.248   -7.187  1.00 51.30  ? 83 LEU A O   1 
ATOM 651 C CB  . LEU A 1 81 ? 6.290   5.075   -4.304  1.00 60.53  ? 83 LEU A CB  1 
ATOM 652 C CG  . LEU A 1 81 ? 7.521   4.559   -3.576  1.00 58.78  ? 83 LEU A CG  1 
ATOM 653 C CD1 . LEU A 1 81 ? 7.141   4.097   -2.148  1.00 50.68  ? 83 LEU A CD1 1 
ATOM 654 C CD2 . LEU A 1 81 ? 8.125   3.435   -4.388  1.00 60.90  ? 83 LEU A CD2 1 
ATOM 655 N N   . ALA A 1 82 ? 4.242   6.253   -6.300  1.00 58.23  ? 84 ALA A N   1 
ATOM 656 C CA  . ALA A 1 82 ? 2.900   6.239   -6.863  1.00 64.12  ? 84 ALA A CA  1 
ATOM 657 C C   . ALA A 1 82 ? 2.919   6.224   -8.386  1.00 74.47  ? 84 ALA A C   1 
ATOM 658 O O   . ALA A 1 82 ? 2.011   5.659   -9.009  1.00 69.07  ? 84 ALA A O   1 
ATOM 659 C CB  . ALA A 1 82 ? 2.117   7.451   -6.369  1.00 62.42  ? 84 ALA A CB  1 
ATOM 660 N N   . SER A 1 83 ? 3.931   6.847   -9.002  1.00 68.78  ? 85 SER A N   1 
ATOM 661 C CA  . SER A 1 83 ? 3.995   6.863   -10.459 1.00 66.87  ? 85 SER A CA  1 
ATOM 662 C C   . SER A 1 83 ? 4.266   5.474   -11.009 1.00 72.46  ? 85 SER A C   1 
ATOM 663 O O   . SER A 1 83 ? 3.803   5.152   -12.111 1.00 68.97  ? 85 SER A O   1 
ATOM 664 C CB  . SER A 1 83 ? 5.058   7.859   -10.928 1.00 65.82  ? 85 SER A CB  1 
ATOM 665 O OG  . SER A 1 83 ? 4.732   9.172   -10.466 1.00 81.93  ? 85 SER A OG  1 
ATOM 666 N N   . LEU A 1 84 ? 4.985   4.642   -10.237 1.00 69.36  ? 86 LEU A N   1 
ATOM 667 C CA  . LEU A 1 84 ? 5.330   3.270   -10.605 1.00 63.91  ? 86 LEU A CA  1 
ATOM 668 C C   . LEU A 1 84 ? 4.113   2.392   -10.872 1.00 66.23  ? 86 LEU A C   1 
ATOM 669 O O   . LEU A 1 84 ? 4.229   1.389   -11.585 1.00 69.48  ? 86 LEU A O   1 
ATOM 670 C CB  . LEU A 1 84 ? 6.150   2.629   -9.484  1.00 63.93  ? 86 LEU A CB  1 
ATOM 671 C CG  . LEU A 1 84 ? 7.662   2.470   -9.596  1.00 74.98  ? 86 LEU A CG  1 
ATOM 672 C CD1 . LEU A 1 84 ? 8.290   3.730   -10.111 1.00 73.80  ? 86 LEU A CD1 1 
ATOM 673 C CD2 . LEU A 1 84 ? 8.249   2.102   -8.235  1.00 78.25  ? 86 LEU A CD2 1 
ATOM 674 N N   . LEU A 1 85 ? 2.965   2.721   -10.289 1.00 62.34  ? 87 LEU A N   1 
ATOM 675 C CA  . LEU A 1 85 ? 1.756   1.933   -10.451 1.00 68.99  ? 87 LEU A CA  1 
ATOM 676 C C   . LEU A 1 85 ? 0.871   2.439   -11.574 1.00 69.94  ? 87 LEU A C   1 
ATOM 677 O O   . LEU A 1 85 ? -0.250  1.941   -11.728 1.00 74.21  ? 87 LEU A O   1 
ATOM 678 C CB  . LEU A 1 85 ? 0.944   1.949   -9.153  1.00 57.77  ? 87 LEU A CB  1 
ATOM 679 C CG  . LEU A 1 85 ? 1.687   1.932   -7.832  1.00 63.85  ? 87 LEU A CG  1 
ATOM 680 C CD1 . LEU A 1 85 ? 0.703   2.049   -6.674  1.00 58.35  ? 87 LEU A CD1 1 
ATOM 681 C CD2 . LEU A 1 85 ? 2.438   0.642   -7.763  1.00 65.38  ? 87 LEU A CD2 1 
ATOM 682 N N   . GLU A 1 86 ? 1.326   3.419   -12.353 1.00 70.04  ? 88 GLU A N   1 
ATOM 683 C CA  . GLU A 1 86 ? 0.357   4.264   -13.036 1.00 80.77  ? 88 GLU A CA  1 
ATOM 684 C C   . GLU A 1 86 ? -0.057  3.800   -14.426 1.00 88.10  ? 88 GLU A C   1 
ATOM 685 O O   . GLU A 1 86 ? -1.221  4.004   -14.794 1.00 93.40  ? 88 GLU A O   1 
ATOM 686 C CB  . GLU A 1 86 ? 0.867   5.703   -13.123 1.00 70.96  ? 88 GLU A CB  1 
ATOM 687 C CG  . GLU A 1 86 ? 0.351   6.539   -11.985 1.00 79.34  ? 88 GLU A CG  1 
ATOM 688 C CD  . GLU A 1 86 ? 0.452   8.006   -12.241 1.00 73.51  ? 88 GLU A CD  1 
ATOM 689 O OE1 . GLU A 1 86 ? 0.300   8.421   -13.407 1.00 104.92 ? 88 GLU A OE1 1 
ATOM 690 O OE2 . GLU A 1 86 ? 0.687   8.748   -11.272 1.00 78.88  ? 88 GLU A OE2 1 
ATOM 691 N N   . SER A 1 87 ? 0.828   3.193   -15.222 1.00 70.52  ? 89 SER A N   1 
ATOM 692 C CA  . SER A 1 87 ? 0.526   3.166   -16.656 1.00 91.36  ? 89 SER A CA  1 
ATOM 693 C C   . SER A 1 87 ? -0.762  2.423   -16.992 1.00 91.66  ? 89 SER A C   1 
ATOM 694 O O   . SER A 1 87 ? -1.340  2.676   -18.051 1.00 101.57 ? 89 SER A O   1 
ATOM 695 C CB  . SER A 1 87 ? 1.663   2.568   -17.464 1.00 96.14  ? 89 SER A CB  1 
ATOM 696 O OG  . SER A 1 87 ? 1.579   3.076   -18.785 1.00 97.96  ? 89 SER A OG  1 
ATOM 697 N N   . GLY A 1 88 ? -1.213  1.531   -16.122 1.00 96.39  ? 90 GLY A N   1 
ATOM 698 C CA  . GLY A 1 88 ? -2.586  1.035   -16.165 1.00 84.28  ? 90 GLY A CA  1 
ATOM 699 C C   . GLY A 1 88 ? -3.228  1.192   -14.797 1.00 104.04 ? 90 GLY A C   1 
ATOM 700 O O   . GLY A 1 88 ? -2.570  0.999   -13.766 1.00 76.47  ? 90 GLY A O   1 
ATOM 701 N N   . LEU A 1 89 ? -4.510  1.563   -14.795 1.00 83.28  ? 91 LEU A N   1 
ATOM 702 C CA  . LEU A 1 89 ? -5.204  1.933   -13.564 1.00 66.60  ? 91 LEU A CA  1 
ATOM 703 C C   . LEU A 1 89 ? -6.571  1.260   -13.554 1.00 92.18  ? 91 LEU A C   1 
ATOM 704 O O   . LEU A 1 89 ? -7.546  1.823   -14.056 1.00 105.91 ? 91 LEU A O   1 
ATOM 705 C CB  . LEU A 1 89 ? -5.324  3.454   -13.420 1.00 60.94  ? 91 LEU A CB  1 
ATOM 706 C CG  . LEU A 1 89 ? -4.058  4.125   -12.883 1.00 72.61  ? 91 LEU A CG  1 
ATOM 707 C CD1 . LEU A 1 89 ? -3.632  5.302   -13.751 1.00 56.20  ? 91 LEU A CD1 1 
ATOM 708 C CD2 . LEU A 1 89 ? -4.223  4.543   -11.408 1.00 56.49  ? 91 LEU A CD2 1 
ATOM 709 N N   . CYS A 1 90 ? -6.644  0.058   -12.988 1.00 63.07  ? 92 CYS A N   1 
ATOM 710 C CA  . CYS A 1 90 ? -7.953  -0.534  -12.759 1.00 78.22  ? 92 CYS A CA  1 
ATOM 711 C C   . CYS A 1 90 ? -8.521  -0.041  -11.422 1.00 82.39  ? 92 CYS A C   1 
ATOM 712 O O   . CYS A 1 90 ? -7.841  0.515   -10.552 1.00 84.08  ? 92 CYS A O   1 
ATOM 713 C CB  . CYS A 1 90 ? -7.881  -2.068  -12.787 1.00 93.83  ? 92 CYS A CB  1 
ATOM 714 S SG  . CYS A 1 90 ? -9.476  -2.954  -12.975 1.00 102.44 ? 92 CYS A SG  1 
ATOM 715 O OXT . CYS A 1 90 ? -9.711  -0.180  -11.164 1.00 85.93  ? 92 CYS A OXT 1 
# 
loop_
_pdbx_poly_seq_scheme.asym_id 
_pdbx_poly_seq_scheme.entity_id 
_pdbx_poly_seq_scheme.seq_id 
_pdbx_poly_seq_scheme.mon_id 
_pdbx_poly_seq_scheme.ndb_seq_num 
_pdbx_poly_seq_scheme.pdb_seq_num 
_pdbx_poly_seq_scheme.auth_seq_num 
_pdbx_poly_seq_scheme.pdb_mon_id 
_pdbx_poly_seq_scheme.auth_mon_id 
_pdbx_poly_seq_scheme.pdb_strand_id 
_pdbx_poly_seq_scheme.pdb_ins_code 
_pdbx_poly_seq_scheme.hetero 
A 1 1  ALA 1  3  3  ALA ALA A . n 
A 1 2  LYS 2  4  4  LYS LYS A . n 
A 1 3  ALA 3  5  5  ALA ALA A . n 
A 1 4  ARG 4  6  6  ARG ARG A . n 
A 1 5  ASP 5  7  7  ASP ASP A . n 
A 1 6  LYS 6  8  8  LYS LYS A . n 
A 1 7  LEU 7  9  9  LEU LEU A . n 
A 1 8  GLU 8  10 10 GLU GLU A . n 
A 1 9  GLU 9  11 11 GLU GLU A . n 
A 1 10 ASN 10 12 12 ASN ASN A . n 
A 1 11 ARG 11 13 13 ARG ARG A . n 
A 1 12 ASP 12 14 14 ASP ASP A . n 
A 1 13 LEU 13 15 15 LEU LEU A . n 
A 1 14 ILE 14 16 16 ILE ILE A . n 
A 1 15 VAL 15 17 17 VAL VAL A . n 
A 1 16 GLU 16 18 18 GLU GLU A . n 
A 1 17 ARG 17 19 19 ARG ARG A . n 
A 1 18 LEU 18 20 20 LEU LEU A . n 
A 1 19 LYS 19 21 21 LYS LYS A . n 
A 1 20 VAL 20 22 22 VAL VAL A . n 
A 1 21 ASP 21 23 23 ASP ASP A . n 
A 1 22 GLU 22 24 24 GLU GLU A . n 
A 1 23 ILE 23 25 25 ILE ILE A . n 
A 1 24 ALA 24 26 26 ALA ALA A . n 
A 1 25 ASP 25 27 27 ASP ASP A . n 
A 1 26 PHE 26 28 28 PHE PHE A . n 
A 1 27 MET 27 29 29 MET MET A . n 
A 1 28 ILE 28 30 30 ILE ILE A . n 
A 1 29 GLU 29 31 31 GLU GLU A . n 
A 1 30 LYS 30 32 32 LYS LYS A . n 
A 1 31 GLY 31 33 33 GLY GLY A . n 
A 1 32 GLU 32 34 34 GLU GLU A . n 
A 1 33 LEU 33 35 35 LEU LEU A . n 
A 1 34 THR 34 36 36 THR THR A . n 
A 1 35 GLU 35 37 37 GLU GLU A . n 
A 1 36 GLU 36 38 38 GLU GLU A . n 
A 1 37 GLU 37 39 39 GLU GLU A . n 
A 1 38 LYS 38 40 40 LYS LYS A . n 
A 1 39 LYS 39 41 41 LYS LYS A . n 
A 1 40 LYS 40 42 42 LYS LYS A . n 
A 1 41 VAL 41 43 43 VAL VAL A . n 
A 1 42 ASP 42 44 44 ASP ASP A . n 
A 1 43 ALA 43 45 45 ALA ALA A . n 
A 1 44 GLU 44 46 46 GLU GLU A . n 
A 1 45 ASP 45 47 47 ASP ASP A . n 
A 1 46 SER 46 48 48 SER SER A . n 
A 1 47 GLU 47 49 49 GLU GLU A . n 
A 1 48 ARG 48 50 50 ARG ARG A . n 
A 1 49 LYS 49 51 51 LYS LYS A . n 
A 1 50 ARG 50 52 52 ARG ARG A . n 
A 1 51 ALA 51 53 53 ALA ALA A . n 
A 1 52 GLU 52 54 54 GLU GLU A . n 
A 1 53 LYS 53 55 55 LYS LYS A . n 
A 1 54 LEU 54 56 56 LEU LEU A . n 
A 1 55 VAL 55 57 57 VAL VAL A . n 
A 1 56 GLU 56 58 58 GLU GLU A . n 
A 1 57 ILE 57 59 59 ILE ILE A . n 
A 1 58 VAL 58 60 60 VAL VAL A . n 
A 1 59 MET 59 61 61 MET MET A . n 
A 1 60 LYS 60 62 62 LYS LYS A . n 
A 1 61 MET 61 63 63 MET MET A . n 
A 1 62 ASP 62 64 64 ASP ASP A . n 
A 1 63 ASP 63 65 65 ASP ASP A . n 
A 1 64 ALA 64 66 66 ALA ALA A . n 
A 1 65 ALA 65 67 67 ALA ALA A . n 
A 1 66 VAL 66 68 68 VAL VAL A . n 
A 1 67 LYS 67 69 69 LYS LYS A . n 
A 1 68 ALA 68 70 70 ALA ALA A . n 
A 1 69 PHE 69 71 71 PHE PHE A . n 
A 1 70 TYR 70 72 72 TYR TYR A . n 
A 1 71 ASP 71 73 73 ASP ASP A . n 
A 1 72 ALA 72 74 74 ALA ALA A . n 
A 1 73 LEU 73 75 75 LEU LEU A . n 
A 1 74 LYS 74 76 76 LYS LYS A . n 
A 1 75 ALA 75 77 77 ALA ALA A . n 
A 1 76 LYS 76 78 78 LYS LYS A . n 
A 1 77 GLY 77 79 79 GLY GLY A . n 
A 1 78 TYR 78 80 80 TYR TYR A . n 
A 1 79 SER 79 81 81 SER SER A . n 
A 1 80 ASP 80 82 82 ASP ASP A . n 
A 1 81 LEU 81 83 83 LEU LEU A . n 
A 1 82 ALA 82 84 84 ALA ALA A . n 
A 1 83 SER 83 85 85 SER SER A . n 
A 1 84 LEU 84 86 86 LEU LEU A . n 
A 1 85 LEU 85 87 87 LEU LEU A . n 
A 1 86 GLU 86 88 88 GLU GLU A . n 
A 1 87 SER 87 89 89 SER SER A . n 
A 1 88 GLY 88 90 90 GLY GLY A . n 
A 1 89 LEU 89 91 91 LEU LEU A . n 
A 1 90 CYS 90 92 92 CYS CYS A . n 
# 
_pdbx_contact_author.id                 2 
_pdbx_contact_author.email              zl0730@mail.ustc.edu.cn 
_pdbx_contact_author.name_first         Lu 
_pdbx_contact_author.name_last          Zhang 
_pdbx_contact_author.name_mi            ? 
_pdbx_contact_author.role               'principal investigator/group leader' 
_pdbx_contact_author.identifier_ORCID   0000-0003-2224-1123 
# 
_pdbx_struct_assembly.id                   1 
_pdbx_struct_assembly.details              author_defined_assembly 
_pdbx_struct_assembly.method_details       ? 
_pdbx_struct_assembly.oligomeric_details   monomeric 
_pdbx_struct_assembly.oligomeric_count     1 
# 
_pdbx_struct_assembly_gen.assembly_id       1 
_pdbx_struct_assembly_gen.oper_expression   1 
_pdbx_struct_assembly_gen.asym_id_list      A 
# 
_pdbx_struct_oper_list.id                   1 
_pdbx_struct_oper_list.type                 'identity operation' 
_pdbx_struct_oper_list.name                 1_555 
_pdbx_struct_oper_list.symmetry_operation   x,y,z 
_pdbx_struct_oper_list.matrix[1][1]         1.0000000000 
_pdbx_struct_oper_list.matrix[1][2]         0.0000000000 
_pdbx_struct_oper_list.matrix[1][3]         0.0000000000 
_pdbx_struct_oper_list.vector[1]            0.0000000000 
_pdbx_struct_oper_list.matrix[2][1]         0.0000000000 
_pdbx_struct_oper_list.matrix[2][2]         1.0000000000 
_pdbx_struct_oper_list.matrix[2][3]         0.0000000000 
_pdbx_struct_oper_list.vector[2]            0.0000000000 
_pdbx_struct_oper_list.matrix[3][1]         0.0000000000 
_pdbx_struct_oper_list.matrix[3][2]         0.0000000000 
_pdbx_struct_oper_list.matrix[3][3]         1.0000000000 
_pdbx_struct_oper_list.vector[3]            0.0000000000 
# 
loop_
_pdbx_audit_revision_history.ordinal 
_pdbx_audit_revision_history.data_content_type 
_pdbx_audit_revision_history.major_revision 
_pdbx_audit_revision_history.minor_revision 
_pdbx_audit_revision_history.revision_date 
1 'Structure model' 1 0 2022-06-08 
2 'Structure model' 1 1 2023-06-28 
3 'Structure model' 1 2 2023-11-29 
# 
_pdbx_audit_revision_details.ordinal             1 
_pdbx_audit_revision_details.revision_ordinal    1 
_pdbx_audit_revision_details.data_content_type   'Structure model' 
_pdbx_audit_revision_details.provider            repository 
_pdbx_audit_revision_details.type                'Initial release' 
_pdbx_audit_revision_details.description         ? 
_pdbx_audit_revision_details.details             ? 
# 
loop_
_pdbx_audit_revision_group.ordinal 
_pdbx_audit_revision_group.revision_ordinal 
_pdbx_audit_revision_group.data_content_type 
_pdbx_audit_revision_group.group 
1 2 'Structure model' 'Database references'    
2 3 'Structure model' 'Data collection'        
3 3 'Structure model' 'Refinement description' 
# 
loop_
_pdbx_audit_revision_category.ordinal 
_pdbx_audit_revision_category.revision_ordinal 
_pdbx_audit_revision_category.data_content_type 
_pdbx_audit_revision_category.category 
1 2 'Structure model' citation                      
2 3 'Structure model' chem_comp_atom                
3 3 'Structure model' chem_comp_bond                
4 3 'Structure model' pdbx_initial_refinement_model 
# 
loop_
_pdbx_audit_revision_item.ordinal 
_pdbx_audit_revision_item.revision_ordinal 
_pdbx_audit_revision_item.data_content_type 
_pdbx_audit_revision_item.item 
1 2 'Structure model' '_citation.journal_abbrev'       
2 2 'Structure model' '_citation.journal_id_ISSN'      
3 2 'Structure model' '_citation.pdbx_database_id_DOI' 
4 2 'Structure model' '_citation.title'                
5 2 'Structure model' '_citation.year'                 
# 
loop_
_software.citation_id 
_software.classification 
_software.compiler_name 
_software.compiler_version 
_software.contact_author 
_software.contact_author_email 
_software.date 
_software.description 
_software.dependencies 
_software.hardware 
_software.language 
_software.location 
_software.mods 
_software.name 
_software.os 
_software.os_version 
_software.type 
_software.version 
_software.pdbx_ordinal 
? 'data scaling'    ? ? ? ? ? ? ? ? ? ? ? Aimless     ? ? ? .           1 
? refinement        ? ? ? ? ? ? ? ? ? ? ? PHENIX      ? ? ? 1.19.2_4158 2 
? 'data extraction' ? ? ? ? ? ? ? ? ? ? ? PDB_EXTRACT ? ? ? 3.27        3 
? 'data reduction'  ? ? ? ? ? ? ? ? ? ? ? XDS         ? ? ? .           4 
? phasing           ? ? ? ? ? ? ? ? ? ? ? MOLREP      ? ? ? .           5 
# 
loop_
_pdbx_validate_symm_contact.id 
_pdbx_validate_symm_contact.PDB_model_num 
_pdbx_validate_symm_contact.auth_atom_id_1 
_pdbx_validate_symm_contact.auth_asym_id_1 
_pdbx_validate_symm_contact.auth_comp_id_1 
_pdbx_validate_symm_contact.auth_seq_id_1 
_pdbx_validate_symm_contact.PDB_ins_code_1 
_pdbx_validate_symm_contact.label_alt_id_1 
_pdbx_validate_symm_contact.site_symmetry_1 
_pdbx_validate_symm_contact.auth_atom_id_2 
_pdbx_validate_symm_contact.auth_asym_id_2 
_pdbx_validate_symm_contact.auth_comp_id_2 
_pdbx_validate_symm_contact.auth_seq_id_2 
_pdbx_validate_symm_contact.PDB_ins_code_2 
_pdbx_validate_symm_contact.label_alt_id_2 
_pdbx_validate_symm_contact.site_symmetry_2 
_pdbx_validate_symm_contact.dist 
1 1 CE  A MET 63 ? ? 1_555 OD1 A ASP 82 ? ? 7_554 1.65 
2 1 NH1 A ARG 19 ? ? 1_555 O   A MET 63 ? ? 8_555 1.74 
3 1 CE  A MET 63 ? ? 1_555 OD2 A ASP 82 ? ? 7_554 1.85 
4 1 NZ  A LYS 62 ? ? 1_555 CZ  A TYR 80 ? ? 7_554 1.85 
5 1 CE  A MET 63 ? ? 1_555 CG  A ASP 82 ? ? 7_554 1.87 
6 1 NZ  A LYS 62 ? ? 1_555 OH  A TYR 80 ? ? 7_554 2.00 
# 
loop_
_pdbx_validate_torsion.id 
_pdbx_validate_torsion.PDB_model_num 
_pdbx_validate_torsion.auth_comp_id 
_pdbx_validate_torsion.auth_asym_id 
_pdbx_validate_torsion.auth_seq_id 
_pdbx_validate_torsion.PDB_ins_code 
_pdbx_validate_torsion.label_alt_id 
_pdbx_validate_torsion.phi 
_pdbx_validate_torsion.psi 
1 1 LYS A 4  ? ? -134.62 -45.17  
2 1 ASP A 64 ? ? -69.96  -175.61 
3 1 TYR A 80 ? ? -103.36 62.13   
# 
loop_
_chem_comp_atom.comp_id 
_chem_comp_atom.atom_id 
_chem_comp_atom.type_symbol 
_chem_comp_atom.pdbx_aromatic_flag 
_chem_comp_atom.pdbx_stereo_config 
_chem_comp_atom.pdbx_ordinal 
ALA N    N N N 1   
ALA CA   C N S 2   
ALA C    C N N 3   
ALA O    O N N 4   
ALA CB   C N N 5   
ALA OXT  O N N 6   
ALA H    H N N 7   
ALA H2   H N N 8   
ALA HA   H N N 9   
ALA HB1  H N N 10  
ALA HB2  H N N 11  
ALA HB3  H N N 12  
ALA HXT  H N N 13  
ARG N    N N N 14  
ARG CA   C N S 15  
ARG C    C N N 16  
ARG O    O N N 17  
ARG CB   C N N 18  
ARG CG   C N N 19  
ARG CD   C N N 20  
ARG NE   N N N 21  
ARG CZ   C N N 22  
ARG NH1  N N N 23  
ARG NH2  N N N 24  
ARG OXT  O N N 25  
ARG H    H N N 26  
ARG H2   H N N 27  
ARG HA   H N N 28  
ARG HB2  H N N 29  
ARG HB3  H N N 30  
ARG HG2  H N N 31  
ARG HG3  H N N 32  
ARG HD2  H N N 33  
ARG HD3  H N N 34  
ARG HE   H N N 35  
ARG HH11 H N N 36  
ARG HH12 H N N 37  
ARG HH21 H N N 38  
ARG HH22 H N N 39  
ARG HXT  H N N 40  
ASN N    N N N 41  
ASN CA   C N S 42  
ASN C    C N N 43  
ASN O    O N N 44  
ASN CB   C N N 45  
ASN CG   C N N 46  
ASN OD1  O N N 47  
ASN ND2  N N N 48  
ASN OXT  O N N 49  
ASN H    H N N 50  
ASN H2   H N N 51  
ASN HA   H N N 52  
ASN HB2  H N N 53  
ASN HB3  H N N 54  
ASN HD21 H N N 55  
ASN HD22 H N N 56  
ASN HXT  H N N 57  
ASP N    N N N 58  
ASP CA   C N S 59  
ASP C    C N N 60  
ASP O    O N N 61  
ASP CB   C N N 62  
ASP CG   C N N 63  
ASP OD1  O N N 64  
ASP OD2  O N N 65  
ASP OXT  O N N 66  
ASP H    H N N 67  
ASP H2   H N N 68  
ASP HA   H N N 69  
ASP HB2  H N N 70  
ASP HB3  H N N 71  
ASP HD2  H N N 72  
ASP HXT  H N N 73  
CYS N    N N N 74  
CYS CA   C N R 75  
CYS C    C N N 76  
CYS O    O N N 77  
CYS CB   C N N 78  
CYS SG   S N N 79  
CYS OXT  O N N 80  
CYS H    H N N 81  
CYS H2   H N N 82  
CYS HA   H N N 83  
CYS HB2  H N N 84  
CYS HB3  H N N 85  
CYS HG   H N N 86  
CYS HXT  H N N 87  
GLU N    N N N 88  
GLU CA   C N S 89  
GLU C    C N N 90  
GLU O    O N N 91  
GLU CB   C N N 92  
GLU CG   C N N 93  
GLU CD   C N N 94  
GLU OE1  O N N 95  
GLU OE2  O N N 96  
GLU OXT  O N N 97  
GLU H    H N N 98  
GLU H2   H N N 99  
GLU HA   H N N 100 
GLU HB2  H N N 101 
GLU HB3  H N N 102 
GLU HG2  H N N 103 
GLU HG3  H N N 104 
GLU HE2  H N N 105 
GLU HXT  H N N 106 
GLY N    N N N 107 
GLY CA   C N N 108 
GLY C    C N N 109 
GLY O    O N N 110 
GLY OXT  O N N 111 
GLY H    H N N 112 
GLY H2   H N N 113 
GLY HA2  H N N 114 
GLY HA3  H N N 115 
GLY HXT  H N N 116 
ILE N    N N N 117 
ILE CA   C N S 118 
ILE C    C N N 119 
ILE O    O N N 120 
ILE CB   C N S 121 
ILE CG1  C N N 122 
ILE CG2  C N N 123 
ILE CD1  C N N 124 
ILE OXT  O N N 125 
ILE H    H N N 126 
ILE H2   H N N 127 
ILE HA   H N N 128 
ILE HB   H N N 129 
ILE HG12 H N N 130 
ILE HG13 H N N 131 
ILE HG21 H N N 132 
ILE HG22 H N N 133 
ILE HG23 H N N 134 
ILE HD11 H N N 135 
ILE HD12 H N N 136 
ILE HD13 H N N 137 
ILE HXT  H N N 138 
LEU N    N N N 139 
LEU CA   C N S 140 
LEU C    C N N 141 
LEU O    O N N 142 
LEU CB   C N N 143 
LEU CG   C N N 144 
LEU CD1  C N N 145 
LEU CD2  C N N 146 
LEU OXT  O N N 147 
LEU H    H N N 148 
LEU H2   H N N 149 
LEU HA   H N N 150 
LEU HB2  H N N 151 
LEU HB3  H N N 152 
LEU HG   H N N 153 
LEU HD11 H N N 154 
LEU HD12 H N N 155 
LEU HD13 H N N 156 
LEU HD21 H N N 157 
LEU HD22 H N N 158 
LEU HD23 H N N 159 
LEU HXT  H N N 160 
LYS N    N N N 161 
LYS CA   C N S 162 
LYS C    C N N 163 
LYS O    O N N 164 
LYS CB   C N N 165 
LYS CG   C N N 166 
LYS CD   C N N 167 
LYS CE   C N N 168 
LYS NZ   N N N 169 
LYS OXT  O N N 170 
LYS H    H N N 171 
LYS H2   H N N 172 
LYS HA   H N N 173 
LYS HB2  H N N 174 
LYS HB3  H N N 175 
LYS HG2  H N N 176 
LYS HG3  H N N 177 
LYS HD2  H N N 178 
LYS HD3  H N N 179 
LYS HE2  H N N 180 
LYS HE3  H N N 181 
LYS HZ1  H N N 182 
LYS HZ2  H N N 183 
LYS HZ3  H N N 184 
LYS HXT  H N N 185 
MET N    N N N 186 
MET CA   C N S 187 
MET C    C N N 188 
MET O    O N N 189 
MET CB   C N N 190 
MET CG   C N N 191 
MET SD   S N N 192 
MET CE   C N N 193 
MET OXT  O N N 194 
MET H    H N N 195 
MET H2   H N N 196 
MET HA   H N N 197 
MET HB2  H N N 198 
MET HB3  H N N 199 
MET HG2  H N N 200 
MET HG3  H N N 201 
MET HE1  H N N 202 
MET HE2  H N N 203 
MET HE3  H N N 204 
MET HXT  H N N 205 
PHE N    N N N 206 
PHE CA   C N S 207 
PHE C    C N N 208 
PHE O    O N N 209 
PHE CB   C N N 210 
PHE CG   C Y N 211 
PHE CD1  C Y N 212 
PHE CD2  C Y N 213 
PHE CE1  C Y N 214 
PHE CE2  C Y N 215 
PHE CZ   C Y N 216 
PHE OXT  O N N 217 
PHE H    H N N 218 
PHE H2   H N N 219 
PHE HA   H N N 220 
PHE HB2  H N N 221 
PHE HB3  H N N 222 
PHE HD1  H N N 223 
PHE HD2  H N N 224 
PHE HE1  H N N 225 
PHE HE2  H N N 226 
PHE HZ   H N N 227 
PHE HXT  H N N 228 
SER N    N N N 229 
SER CA   C N S 230 
SER C    C N N 231 
SER O    O N N 232 
SER CB   C N N 233 
SER OG   O N N 234 
SER OXT  O N N 235 
SER H    H N N 236 
SER H2   H N N 237 
SER HA   H N N 238 
SER HB2  H N N 239 
SER HB3  H N N 240 
SER HG   H N N 241 
SER HXT  H N N 242 
THR N    N N N 243 
THR CA   C N S 244 
THR C    C N N 245 
THR O    O N N 246 
THR CB   C N R 247 
THR OG1  O N N 248 
THR CG2  C N N 249 
THR OXT  O N N 250 
THR H    H N N 251 
THR H2   H N N 252 
THR HA   H N N 253 
THR HB   H N N 254 
THR HG1  H N N 255 
THR HG21 H N N 256 
THR HG22 H N N 257 
THR HG23 H N N 258 
THR HXT  H N N 259 
TYR N    N N N 260 
TYR CA   C N S 261 
TYR C    C N N 262 
TYR O    O N N 263 
TYR CB   C N N 264 
TYR CG   C Y N 265 
TYR CD1  C Y N 266 
TYR CD2  C Y N 267 
TYR CE1  C Y N 268 
TYR CE2  C Y N 269 
TYR CZ   C Y N 270 
TYR OH   O N N 271 
TYR OXT  O N N 272 
TYR H    H N N 273 
TYR H2   H N N 274 
TYR HA   H N N 275 
TYR HB2  H N N 276 
TYR HB3  H N N 277 
TYR HD1  H N N 278 
TYR HD2  H N N 279 
TYR HE1  H N N 280 
TYR HE2  H N N 281 
TYR HH   H N N 282 
TYR HXT  H N N 283 
VAL N    N N N 284 
VAL CA   C N S 285 
VAL C    C N N 286 
VAL O    O N N 287 
VAL CB   C N N 288 
VAL CG1  C N N 289 
VAL CG2  C N N 290 
VAL OXT  O N N 291 
VAL H    H N N 292 
VAL H2   H N N 293 
VAL HA   H N N 294 
VAL HB   H N N 295 
VAL HG11 H N N 296 
VAL HG12 H N N 297 
VAL HG13 H N N 298 
VAL HG21 H N N 299 
VAL HG22 H N N 300 
VAL HG23 H N N 301 
VAL HXT  H N N 302 
# 
loop_
_chem_comp_bond.comp_id 
_chem_comp_bond.atom_id_1 
_chem_comp_bond.atom_id_2 
_chem_comp_bond.value_order 
_chem_comp_bond.pdbx_aromatic_flag 
_chem_comp_bond.pdbx_stereo_config 
_chem_comp_bond.pdbx_ordinal 
ALA N   CA   sing N N 1   
ALA N   H    sing N N 2   
ALA N   H2   sing N N 3   
ALA CA  C    sing N N 4   
ALA CA  CB   sing N N 5   
ALA CA  HA   sing N N 6   
ALA C   O    doub N N 7   
ALA C   OXT  sing N N 8   
ALA CB  HB1  sing N N 9   
ALA CB  HB2  sing N N 10  
ALA CB  HB3  sing N N 11  
ALA OXT HXT  sing N N 12  
ARG N   CA   sing N N 13  
ARG N   H    sing N N 14  
ARG N   H2   sing N N 15  
ARG CA  C    sing N N 16  
ARG CA  CB   sing N N 17  
ARG CA  HA   sing N N 18  
ARG C   O    doub N N 19  
ARG C   OXT  sing N N 20  
ARG CB  CG   sing N N 21  
ARG CB  HB2  sing N N 22  
ARG CB  HB3  sing N N 23  
ARG CG  CD   sing N N 24  
ARG CG  HG2  sing N N 25  
ARG CG  HG3  sing N N 26  
ARG CD  NE   sing N N 27  
ARG CD  HD2  sing N N 28  
ARG CD  HD3  sing N N 29  
ARG NE  CZ   sing N N 30  
ARG NE  HE   sing N N 31  
ARG CZ  NH1  sing N N 32  
ARG CZ  NH2  doub N N 33  
ARG NH1 HH11 sing N N 34  
ARG NH1 HH12 sing N N 35  
ARG NH2 HH21 sing N N 36  
ARG NH2 HH22 sing N N 37  
ARG OXT HXT  sing N N 38  
ASN N   CA   sing N N 39  
ASN N   H    sing N N 40  
ASN N   H2   sing N N 41  
ASN CA  C    sing N N 42  
ASN CA  CB   sing N N 43  
ASN CA  HA   sing N N 44  
ASN C   O    doub N N 45  
ASN C   OXT  sing N N 46  
ASN CB  CG   sing N N 47  
ASN CB  HB2  sing N N 48  
ASN CB  HB3  sing N N 49  
ASN CG  OD1  doub N N 50  
ASN CG  ND2  sing N N 51  
ASN ND2 HD21 sing N N 52  
ASN ND2 HD22 sing N N 53  
ASN OXT HXT  sing N N 54  
ASP N   CA   sing N N 55  
ASP N   H    sing N N 56  
ASP N   H2   sing N N 57  
ASP CA  C    sing N N 58  
ASP CA  CB   sing N N 59  
ASP CA  HA   sing N N 60  
ASP C   O    doub N N 61  
ASP C   OXT  sing N N 62  
ASP CB  CG   sing N N 63  
ASP CB  HB2  sing N N 64  
ASP CB  HB3  sing N N 65  
ASP CG  OD1  doub N N 66  
ASP CG  OD2  sing N N 67  
ASP OD2 HD2  sing N N 68  
ASP OXT HXT  sing N N 69  
CYS N   CA   sing N N 70  
CYS N   H    sing N N 71  
CYS N   H2   sing N N 72  
CYS CA  C    sing N N 73  
CYS CA  CB   sing N N 74  
CYS CA  HA   sing N N 75  
CYS C   O    doub N N 76  
CYS C   OXT  sing N N 77  
CYS CB  SG   sing N N 78  
CYS CB  HB2  sing N N 79  
CYS CB  HB3  sing N N 80  
CYS SG  HG   sing N N 81  
CYS OXT HXT  sing N N 82  
GLU N   CA   sing N N 83  
GLU N   H    sing N N 84  
GLU N   H2   sing N N 85  
GLU CA  C    sing N N 86  
GLU CA  CB   sing N N 87  
GLU CA  HA   sing N N 88  
GLU C   O    doub N N 89  
GLU C   OXT  sing N N 90  
GLU CB  CG   sing N N 91  
GLU CB  HB2  sing N N 92  
GLU CB  HB3  sing N N 93  
GLU CG  CD   sing N N 94  
GLU CG  HG2  sing N N 95  
GLU CG  HG3  sing N N 96  
GLU CD  OE1  doub N N 97  
GLU CD  OE2  sing N N 98  
GLU OE2 HE2  sing N N 99  
GLU OXT HXT  sing N N 100 
GLY N   CA   sing N N 101 
GLY N   H    sing N N 102 
GLY N   H2   sing N N 103 
GLY CA  C    sing N N 104 
GLY CA  HA2  sing N N 105 
GLY CA  HA3  sing N N 106 
GLY C   O    doub N N 107 
GLY C   OXT  sing N N 108 
GLY OXT HXT  sing N N 109 
ILE N   CA   sing N N 110 
ILE N   H    sing N N 111 
ILE N   H2   sing N N 112 
ILE CA  C    sing N N 113 
ILE CA  CB   sing N N 114 
ILE CA  HA   sing N N 115 
ILE C   O    doub N N 116 
ILE C   OXT  sing N N 117 
ILE CB  CG1  sing N N 118 
ILE CB  CG2  sing N N 119 
ILE CB  HB   sing N N 120 
ILE CG1 CD1  sing N N 121 
ILE CG1 HG12 sing N N 122 
ILE CG1 HG13 sing N N 123 
ILE CG2 HG21 sing N N 124 
ILE CG2 HG22 sing N N 125 
ILE CG2 HG23 sing N N 126 
ILE CD1 HD11 sing N N 127 
ILE CD1 HD12 sing N N 128 
ILE CD1 HD13 sing N N 129 
ILE OXT HXT  sing N N 130 
LEU N   CA   sing N N 131 
LEU N   H    sing N N 132 
LEU N   H2   sing N N 133 
LEU CA  C    sing N N 134 
LEU CA  CB   sing N N 135 
LEU CA  HA   sing N N 136 
LEU C   O    doub N N 137 
LEU C   OXT  sing N N 138 
LEU CB  CG   sing N N 139 
LEU CB  HB2  sing N N 140 
LEU CB  HB3  sing N N 141 
LEU CG  CD1  sing N N 142 
LEU CG  CD2  sing N N 143 
LEU CG  HG   sing N N 144 
LEU CD1 HD11 sing N N 145 
LEU CD1 HD12 sing N N 146 
LEU CD1 HD13 sing N N 147 
LEU CD2 HD21 sing N N 148 
LEU CD2 HD22 sing N N 149 
LEU CD2 HD23 sing N N 150 
LEU OXT HXT  sing N N 151 
LYS N   CA   sing N N 152 
LYS N   H    sing N N 153 
LYS N   H2   sing N N 154 
LYS CA  C    sing N N 155 
LYS CA  CB   sing N N 156 
LYS CA  HA   sing N N 157 
LYS C   O    doub N N 158 
LYS C   OXT  sing N N 159 
LYS CB  CG   sing N N 160 
LYS CB  HB2  sing N N 161 
LYS CB  HB3  sing N N 162 
LYS CG  CD   sing N N 163 
LYS CG  HG2  sing N N 164 
LYS CG  HG3  sing N N 165 
LYS CD  CE   sing N N 166 
LYS CD  HD2  sing N N 167 
LYS CD  HD3  sing N N 168 
LYS CE  NZ   sing N N 169 
LYS CE  HE2  sing N N 170 
LYS CE  HE3  sing N N 171 
LYS NZ  HZ1  sing N N 172 
LYS NZ  HZ2  sing N N 173 
LYS NZ  HZ3  sing N N 174 
LYS OXT HXT  sing N N 175 
MET N   CA   sing N N 176 
MET N   H    sing N N 177 
MET N   H2   sing N N 178 
MET CA  C    sing N N 179 
MET CA  CB   sing N N 180 
MET CA  HA   sing N N 181 
MET C   O    doub N N 182 
MET C   OXT  sing N N 183 
MET CB  CG   sing N N 184 
MET CB  HB2  sing N N 185 
MET CB  HB3  sing N N 186 
MET CG  SD   sing N N 187 
MET CG  HG2  sing N N 188 
MET CG  HG3  sing N N 189 
MET SD  CE   sing N N 190 
MET CE  HE1  sing N N 191 
MET CE  HE2  sing N N 192 
MET CE  HE3  sing N N 193 
MET OXT HXT  sing N N 194 
PHE N   CA   sing N N 195 
PHE N   H    sing N N 196 
PHE N   H2   sing N N 197 
PHE CA  C    sing N N 198 
PHE CA  CB   sing N N 199 
PHE CA  HA   sing N N 200 
PHE C   O    doub N N 201 
PHE C   OXT  sing N N 202 
PHE CB  CG   sing N N 203 
PHE CB  HB2  sing N N 204 
PHE CB  HB3  sing N N 205 
PHE CG  CD1  doub Y N 206 
PHE CG  CD2  sing Y N 207 
PHE CD1 CE1  sing Y N 208 
PHE CD1 HD1  sing N N 209 
PHE CD2 CE2  doub Y N 210 
PHE CD2 HD2  sing N N 211 
PHE CE1 CZ   doub Y N 212 
PHE CE1 HE1  sing N N 213 
PHE CE2 CZ   sing Y N 214 
PHE CE2 HE2  sing N N 215 
PHE CZ  HZ   sing N N 216 
PHE OXT HXT  sing N N 217 
SER N   CA   sing N N 218 
SER N   H    sing N N 219 
SER N   H2   sing N N 220 
SER CA  C    sing N N 221 
SER CA  CB   sing N N 222 
SER CA  HA   sing N N 223 
SER C   O    doub N N 224 
SER C   OXT  sing N N 225 
SER CB  OG   sing N N 226 
SER CB  HB2  sing N N 227 
SER CB  HB3  sing N N 228 
SER OG  HG   sing N N 229 
SER OXT HXT  sing N N 230 
THR N   CA   sing N N 231 
THR N   H    sing N N 232 
THR N   H2   sing N N 233 
THR CA  C    sing N N 234 
THR CA  CB   sing N N 235 
THR CA  HA   sing N N 236 
THR C   O    doub N N 237 
THR C   OXT  sing N N 238 
THR CB  OG1  sing N N 239 
THR CB  CG2  sing N N 240 
THR CB  HB   sing N N 241 
THR OG1 HG1  sing N N 242 
THR CG2 HG21 sing N N 243 
THR CG2 HG22 sing N N 244 
THR CG2 HG23 sing N N 245 
THR OXT HXT  sing N N 246 
TYR N   CA   sing N N 247 
TYR N   H    sing N N 248 
TYR N   H2   sing N N 249 
TYR CA  C    sing N N 250 
TYR CA  CB   sing N N 251 
TYR CA  HA   sing N N 252 
TYR C   O    doub N N 253 
TYR C   OXT  sing N N 254 
TYR CB  CG   sing N N 255 
TYR CB  HB2  sing N N 256 
TYR CB  HB3  sing N N 257 
TYR CG  CD1  doub Y N 258 
TYR CG  CD2  sing Y N 259 
TYR CD1 CE1  sing Y N 260 
TYR CD1 HD1  sing N N 261 
TYR CD2 CE2  doub Y N 262 
TYR CD2 HD2  sing N N 263 
TYR CE1 CZ   doub Y N 264 
TYR CE1 HE1  sing N N 265 
TYR CE2 CZ   sing Y N 266 
TYR CE2 HE2  sing N N 267 
TYR CZ  OH   sing N N 268 
TYR OH  HH   sing N N 269 
TYR OXT HXT  sing N N 270 
VAL N   CA   sing N N 271 
VAL N   H    sing N N 272 
VAL N   H2   sing N N 273 
VAL CA  C    sing N N 274 
VAL CA  CB   sing N N 275 
VAL CA  HA   sing N N 276 
VAL C   O    doub N N 277 
VAL C   OXT  sing N N 278 
VAL CB  CG1  sing N N 279 
VAL CB  CG2  sing N N 280 
VAL CB  HB   sing N N 281 
VAL CG1 HG11 sing N N 282 
VAL CG1 HG12 sing N N 283 
VAL CG1 HG13 sing N N 284 
VAL CG2 HG21 sing N N 285 
VAL CG2 HG22 sing N N 286 
VAL CG2 HG23 sing N N 287 
VAL OXT HXT  sing N N 288 
# 
_pdbx_audit_support.funding_organization   'Not funded' 
_pdbx_audit_support.country                ? 
_pdbx_audit_support.grant_number           ? 
_pdbx_audit_support.ordinal                1 
# 
_pdbx_initial_refinement_model.id               1 
_pdbx_initial_refinement_model.entity_id_list   ? 
_pdbx_initial_refinement_model.type             'experimental model' 
_pdbx_initial_refinement_model.source_name      PDB 
_pdbx_initial_refinement_model.accession_code   1CY5 
_pdbx_initial_refinement_model.details          ? 
# 
_pdbx_struct_assembly_auth_evidence.id                     1 
_pdbx_struct_assembly_auth_evidence.assembly_id            1 
_pdbx_struct_assembly_auth_evidence.experimental_support   none 
_pdbx_struct_assembly_auth_evidence.details                ? 
# 
